data_7SZT
#
_entry.id   7SZT
#
_cell.length_a   49.704
_cell.length_b   74.323
_cell.length_c   107.433
_cell.angle_alpha   93.560
_cell.angle_beta   89.710
_cell.angle_gamma   109.920
#
_symmetry.space_group_name_H-M   'P 1'
#
loop_
_entity.id
_entity.type
_entity.pdbx_description
1 polymer 'Multidrug resistance protein, SMR family'
2 polymer 'L10 monobody'
3 non-polymer 'Dodecyldimethylphosphine oxide'
#
loop_
_entity_poly.entity_id
_entity_poly.type
_entity_poly.pdbx_seq_one_letter_code
_entity_poly.pdbx_strand_id
1 'polypeptide(L)'
;MAWLILIIAGIFEVVWAIALKYSNGFTRLIPSMITLIGMLISFYLLSQATKTLPIGTAYAIWTGIGALGAVICGIIFFKE
PLTALRIVFMILLLTGIIGLKATSS
;
A,B,C,D
2 'polypeptide(L)'
;VSSVPTKLEVVAATPTSLLISWDAGHWWEWVTYYRITYGETGGNSPVQEFTVPGYSSTATISGLKPGVDYTITVYAPTSD
YGSPISINYRT
;
E,F,H,G
#
# COMPACT_ATOMS: atom_id res chain seq x y z
N MET A 1 30.22 -3.42 -1.60
CA MET A 1 30.94 -2.53 -2.50
C MET A 1 29.99 -1.75 -3.38
N ALA A 2 29.44 -2.41 -4.41
CA ALA A 2 28.49 -1.75 -5.30
C ALA A 2 27.27 -1.23 -4.57
N TRP A 3 26.98 -1.77 -3.37
CA TRP A 3 25.88 -1.26 -2.57
C TRP A 3 26.09 0.22 -2.22
N LEU A 4 27.30 0.58 -1.80
CA LEU A 4 27.53 1.97 -1.43
C LEU A 4 27.59 2.88 -2.65
N ILE A 5 28.08 2.38 -3.78
CA ILE A 5 28.02 3.16 -5.01
C ILE A 5 26.57 3.41 -5.41
N LEU A 6 25.70 2.42 -5.17
CA LEU A 6 24.28 2.62 -5.38
C LEU A 6 23.71 3.69 -4.46
N ILE A 7 24.10 3.64 -3.18
CA ILE A 7 23.68 4.66 -2.22
C ILE A 7 24.07 6.04 -2.72
N ILE A 8 25.31 6.17 -3.19
CA ILE A 8 25.80 7.46 -3.66
C ILE A 8 25.06 7.90 -4.92
N ALA A 9 24.70 6.95 -5.79
CA ALA A 9 23.90 7.29 -6.95
C ALA A 9 22.55 7.87 -6.54
N GLY A 10 21.92 7.28 -5.53
CA GLY A 10 20.67 7.85 -5.02
C GLY A 10 20.86 9.23 -4.41
N ILE A 11 21.99 9.43 -3.74
CA ILE A 11 22.29 10.76 -3.18
C ILE A 11 22.40 11.78 -4.31
N PHE A 12 23.08 11.43 -5.40
CA PHE A 12 23.17 12.38 -6.50
C PHE A 12 21.84 12.54 -7.21
N GLU A 13 20.97 11.53 -7.12
CA GLU A 13 19.59 11.68 -7.59
C GLU A 13 18.90 12.83 -6.87
N VAL A 14 18.87 12.78 -5.53
CA VAL A 14 18.24 13.89 -4.80
C VAL A 14 19.02 15.18 -5.02
N VAL A 15 20.32 15.09 -5.28
CA VAL A 15 21.13 16.28 -5.55
C VAL A 15 20.60 17.00 -6.79
N TRP A 16 20.49 16.29 -7.92
CA TRP A 16 20.02 16.96 -9.12
C TRP A 16 18.55 17.33 -9.01
N ALA A 17 17.77 16.64 -8.19
CA ALA A 17 16.41 17.11 -7.91
C ALA A 17 16.42 18.50 -7.29
N ILE A 18 17.09 18.64 -6.15
CA ILE A 18 17.12 19.94 -5.45
C ILE A 18 17.76 21.00 -6.33
N ALA A 19 18.76 20.62 -7.13
CA ALA A 19 19.39 21.59 -8.02
C ALA A 19 18.47 22.00 -9.15
N LEU A 20 17.57 21.10 -9.57
CA LEU A 20 16.58 21.46 -10.58
C LEU A 20 15.56 22.42 -10.01
N LYS A 21 15.21 22.27 -8.73
CA LYS A 21 14.26 23.21 -8.13
C LYS A 21 14.85 24.61 -8.06
N TYR A 22 16.15 24.73 -7.77
CA TYR A 22 16.78 26.04 -7.70
C TYR A 22 16.96 26.70 -9.06
N SER A 23 16.93 25.93 -10.15
CA SER A 23 17.25 26.47 -11.47
C SER A 23 16.08 27.22 -12.11
N ASN A 24 14.91 27.26 -11.45
CA ASN A 24 13.72 27.95 -11.95
C ASN A 24 13.48 27.66 -13.43
N GLY A 25 13.48 26.37 -13.77
CA GLY A 25 13.26 25.92 -15.14
C GLY A 25 14.45 26.05 -16.05
N PHE A 26 15.63 25.61 -15.61
N PHE A 26 15.62 25.59 -15.62
CA PHE A 26 16.87 25.67 -16.39
CA PHE A 26 16.85 25.69 -16.42
C PHE A 26 17.19 27.08 -16.84
C PHE A 26 17.08 27.12 -16.88
N THR A 27 16.99 28.05 -15.94
CA THR A 27 17.30 29.44 -16.22
C THR A 27 18.47 29.97 -15.40
N ARG A 28 18.62 29.53 -14.16
CA ARG A 28 19.76 29.92 -13.33
C ARG A 28 20.91 28.97 -13.60
N LEU A 29 21.94 29.45 -14.28
CA LEU A 29 23.19 28.71 -14.38
C LEU A 29 23.74 28.44 -12.99
N ILE A 30 24.37 27.28 -12.86
CA ILE A 30 24.91 26.64 -11.65
C ILE A 30 23.89 25.62 -11.16
N PRO A 31 22.67 25.99 -10.70
CA PRO A 31 21.70 24.92 -10.40
C PRO A 31 21.37 24.08 -11.63
N SER A 32 21.29 24.70 -12.80
CA SER A 32 21.12 23.93 -14.03
C SER A 32 22.32 23.02 -14.26
N MET A 33 23.53 23.52 -13.98
CA MET A 33 24.72 22.72 -14.20
C MET A 33 24.88 21.65 -13.13
N ILE A 34 24.61 21.99 -11.87
CA ILE A 34 24.57 20.96 -10.84
C ILE A 34 23.57 19.88 -11.23
N THR A 35 22.43 20.28 -11.81
CA THR A 35 21.43 19.32 -12.25
C THR A 35 21.98 18.40 -13.33
N LEU A 36 22.55 18.96 -14.39
CA LEU A 36 23.06 18.14 -15.49
C LEU A 36 24.16 17.19 -15.01
N ILE A 37 25.14 17.73 -14.27
CA ILE A 37 26.26 16.89 -13.88
C ILE A 37 25.84 15.88 -12.83
N GLY A 38 24.89 16.22 -11.95
CA GLY A 38 24.41 15.25 -10.98
C GLY A 38 23.61 14.15 -11.63
N MET A 39 22.86 14.48 -12.68
CA MET A 39 22.24 13.47 -13.52
C MET A 39 23.31 12.50 -14.00
N LEU A 40 24.23 13.01 -14.84
CA LEU A 40 25.29 12.17 -15.39
C LEU A 40 25.96 11.30 -14.33
N ILE A 41 26.26 11.89 -13.16
CA ILE A 41 26.94 11.16 -12.10
C ILE A 41 26.05 10.03 -11.58
N SER A 42 24.79 10.34 -11.27
CA SER A 42 23.88 9.32 -10.76
C SER A 42 23.71 8.19 -11.76
N PHE A 43 23.57 8.51 -13.03
N PHE A 43 23.58 8.52 -13.03
CA PHE A 43 23.38 7.47 -14.05
CA PHE A 43 23.38 7.48 -14.05
C PHE A 43 24.62 6.61 -14.20
C PHE A 43 24.62 6.61 -14.22
N TYR A 44 25.81 7.22 -14.22
CA TYR A 44 27.03 6.45 -14.34
C TYR A 44 27.24 5.55 -13.13
N LEU A 45 27.06 6.10 -11.93
CA LEU A 45 27.22 5.29 -10.73
C LEU A 45 26.14 4.23 -10.63
N LEU A 46 24.96 4.47 -11.21
CA LEU A 46 23.95 3.43 -11.26
C LEU A 46 24.37 2.30 -12.18
N SER A 47 24.92 2.64 -13.36
CA SER A 47 25.48 1.62 -14.23
C SER A 47 26.56 0.82 -13.50
N GLN A 48 27.40 1.50 -12.72
CA GLN A 48 28.45 0.82 -11.97
C GLN A 48 27.85 -0.14 -10.94
N ALA A 49 26.97 0.38 -10.09
CA ALA A 49 26.36 -0.45 -9.05
C ALA A 49 25.47 -1.54 -9.61
N THR A 50 24.99 -1.40 -10.84
CA THR A 50 24.10 -2.39 -11.43
C THR A 50 24.83 -3.45 -12.25
N LYS A 51 26.06 -3.17 -12.70
CA LYS A 51 26.83 -4.26 -13.29
C LYS A 51 27.30 -5.27 -12.25
N THR A 52 26.95 -5.08 -10.98
CA THR A 52 27.19 -6.06 -9.93
C THR A 52 25.90 -6.48 -9.23
N LEU A 53 25.13 -5.52 -8.73
CA LEU A 53 23.94 -5.78 -7.94
C LEU A 53 22.74 -6.09 -8.84
N PRO A 54 21.68 -6.70 -8.29
CA PRO A 54 20.51 -7.00 -9.11
C PRO A 54 19.80 -5.72 -9.53
N ILE A 55 19.46 -5.63 -10.82
CA ILE A 55 18.81 -4.42 -11.33
C ILE A 55 17.53 -4.14 -10.53
N GLY A 56 16.80 -5.18 -10.15
CA GLY A 56 15.60 -5.00 -9.35
C GLY A 56 15.86 -4.23 -8.07
N THR A 57 16.63 -4.82 -7.16
CA THR A 57 16.93 -4.17 -5.89
C THR A 57 17.76 -2.91 -6.09
N ALA A 58 18.64 -2.88 -7.10
CA ALA A 58 19.45 -1.68 -7.34
C ALA A 58 18.56 -0.50 -7.67
N TYR A 59 17.70 -0.64 -8.68
CA TYR A 59 16.76 0.43 -9.01
C TYR A 59 15.84 0.74 -7.85
N ALA A 60 15.40 -0.29 -7.12
CA ALA A 60 14.51 -0.05 -5.98
C ALA A 60 15.16 0.88 -4.97
N ILE A 61 16.35 0.53 -4.49
CA ILE A 61 17.04 1.37 -3.52
C ILE A 61 17.42 2.72 -4.12
N TRP A 62 17.79 2.75 -5.41
CA TRP A 62 18.19 3.99 -6.05
C TRP A 62 17.05 5.00 -6.07
N THR A 63 15.92 4.62 -6.69
CA THR A 63 14.78 5.52 -6.75
C THR A 63 14.17 5.73 -5.37
N GLY A 64 14.30 4.77 -4.46
CA GLY A 64 13.82 4.99 -3.11
C GLY A 64 14.57 6.12 -2.43
N ILE A 65 15.90 6.06 -2.46
CA ILE A 65 16.71 7.14 -1.88
C ILE A 65 16.42 8.44 -2.60
N GLY A 66 16.39 8.42 -3.93
CA GLY A 66 16.12 9.62 -4.69
C GLY A 66 14.83 10.29 -4.29
N ALA A 67 13.73 9.55 -4.37
CA ALA A 67 12.41 10.09 -4.07
C ALA A 67 12.29 10.50 -2.61
N LEU A 68 12.72 9.63 -1.68
CA LEU A 68 12.59 9.94 -0.27
C LEU A 68 13.39 11.17 0.11
N GLY A 69 14.66 11.22 -0.29
CA GLY A 69 15.48 12.38 0.02
C GLY A 69 15.00 13.64 -0.66
N ALA A 70 14.40 13.51 -1.85
CA ALA A 70 13.80 14.68 -2.49
C ALA A 70 12.65 15.21 -1.65
N VAL A 71 11.78 14.32 -1.18
CA VAL A 71 10.69 14.71 -0.28
C VAL A 71 11.26 15.40 0.96
N ILE A 72 12.28 14.79 1.57
CA ILE A 72 12.88 15.33 2.79
C ILE A 72 13.41 16.74 2.55
N CYS A 73 14.38 16.88 1.64
CA CYS A 73 14.99 18.18 1.37
C CYS A 73 13.98 19.20 0.85
N GLY A 74 12.88 18.74 0.24
CA GLY A 74 11.81 19.67 -0.09
C GLY A 74 11.12 20.20 1.17
N ILE A 75 10.73 19.29 2.06
CA ILE A 75 10.15 19.71 3.33
C ILE A 75 11.10 20.63 4.08
N ILE A 76 12.41 20.45 3.89
CA ILE A 76 13.40 21.22 4.61
C ILE A 76 13.73 22.52 3.88
N PHE A 77 14.46 22.42 2.76
CA PHE A 77 15.02 23.60 2.11
C PHE A 77 13.91 24.53 1.64
N PHE A 78 13.08 24.07 0.71
CA PHE A 78 11.99 24.87 0.19
C PHE A 78 10.77 24.84 1.11
N LYS A 79 10.92 24.30 2.32
CA LYS A 79 9.88 24.25 3.34
C LYS A 79 8.53 23.89 2.73
N GLU A 80 8.50 22.71 2.14
CA GLU A 80 7.35 22.14 1.47
C GLU A 80 6.43 21.46 2.47
N PRO A 81 5.15 21.30 2.15
CA PRO A 81 4.18 20.85 3.15
C PRO A 81 4.54 19.52 3.79
N LEU A 82 4.28 19.42 5.09
CA LEU A 82 4.52 18.22 5.90
C LEU A 82 3.24 17.86 6.64
N THR A 83 2.19 17.59 5.87
CA THR A 83 0.90 17.24 6.43
C THR A 83 0.82 15.74 6.67
N ALA A 84 -0.22 15.32 7.40
CA ALA A 84 -0.45 13.90 7.59
C ALA A 84 -0.83 13.23 6.27
N LEU A 85 -1.78 13.81 5.54
CA LEU A 85 -2.18 13.28 4.24
C LEU A 85 -0.98 13.17 3.31
N ARG A 86 -0.35 14.31 2.98
CA ARG A 86 0.74 14.32 2.01
C ARG A 86 1.79 13.27 2.33
N ILE A 87 2.17 13.12 3.61
CA ILE A 87 3.17 12.12 3.96
C ILE A 87 2.61 10.72 3.77
N VAL A 88 1.34 10.49 4.09
CA VAL A 88 0.76 9.15 3.93
C VAL A 88 0.70 8.77 2.45
N PHE A 89 0.24 9.70 1.61
CA PHE A 89 0.17 9.43 0.18
C PHE A 89 1.55 9.33 -0.45
N MET A 90 2.53 10.07 0.08
CA MET A 90 3.90 9.88 -0.35
C MET A 90 4.41 8.50 0.04
N ILE A 91 4.01 8.01 1.22
CA ILE A 91 4.38 6.67 1.63
C ILE A 91 3.80 5.65 0.65
N LEU A 92 2.51 5.77 0.34
CA LEU A 92 1.89 4.86 -0.62
C LEU A 92 2.61 4.92 -1.97
N LEU A 93 2.92 6.13 -2.44
CA LEU A 93 3.55 6.30 -3.74
C LEU A 93 4.95 5.69 -3.77
N LEU A 94 5.76 5.98 -2.75
CA LEU A 94 7.13 5.48 -2.73
C LEU A 94 7.16 3.97 -2.53
N THR A 95 6.24 3.43 -1.72
CA THR A 95 6.17 1.98 -1.59
C THR A 95 5.77 1.33 -2.91
N GLY A 96 4.84 1.94 -3.64
CA GLY A 96 4.47 1.40 -4.94
C GLY A 96 5.63 1.42 -5.92
N ILE A 97 6.38 2.53 -5.96
CA ILE A 97 7.52 2.61 -6.85
C ILE A 97 8.58 1.58 -6.48
N ILE A 98 8.94 1.54 -5.19
CA ILE A 98 9.93 0.59 -4.70
C ILE A 98 9.50 -0.84 -5.00
N GLY A 99 8.20 -1.12 -4.92
CA GLY A 99 7.72 -2.46 -5.18
C GLY A 99 7.75 -2.82 -6.66
N LEU A 100 7.34 -1.89 -7.52
CA LEU A 100 7.35 -2.17 -8.95
C LEU A 100 8.76 -2.34 -9.48
N LYS A 101 9.70 -1.53 -9.01
CA LYS A 101 11.08 -1.69 -9.45
C LYS A 101 11.80 -2.85 -8.77
N ALA A 102 11.24 -3.40 -7.69
CA ALA A 102 11.83 -4.55 -7.03
C ALA A 102 11.27 -5.88 -7.54
N THR A 103 10.40 -5.85 -8.54
CA THR A 103 9.85 -7.07 -9.11
C THR A 103 10.17 -7.24 -10.59
N SER A 104 10.83 -6.27 -11.21
CA SER A 104 11.18 -6.38 -12.63
C SER A 104 12.43 -7.24 -12.81
N MET B 1 -2.49 21.95 -14.06
CA MET B 1 -1.75 22.22 -15.29
C MET B 1 -0.30 21.78 -15.14
N ALA B 2 0.34 22.22 -14.05
CA ALA B 2 1.66 21.68 -13.71
C ALA B 2 1.57 20.18 -13.46
N TRP B 3 0.44 19.70 -12.95
CA TRP B 3 0.24 18.26 -12.81
C TRP B 3 0.09 17.60 -14.16
N LEU B 4 -0.60 18.26 -15.10
CA LEU B 4 -0.69 17.74 -16.46
C LEU B 4 0.68 17.68 -17.13
N ILE B 5 1.44 18.78 -17.00
CA ILE B 5 2.81 18.81 -17.50
C ILE B 5 3.64 17.69 -16.87
N LEU B 6 3.39 17.40 -15.59
CA LEU B 6 4.14 16.35 -14.90
C LEU B 6 3.79 14.97 -15.45
N ILE B 7 2.50 14.72 -15.67
CA ILE B 7 2.07 13.47 -16.31
C ILE B 7 2.78 13.30 -17.65
N ILE B 8 2.78 14.36 -18.46
CA ILE B 8 3.40 14.29 -19.78
C ILE B 8 4.90 14.08 -19.66
N ALA B 9 5.51 14.65 -18.63
CA ALA B 9 6.93 14.45 -18.40
C ALA B 9 7.24 13.00 -18.08
N GLY B 10 6.42 12.38 -17.22
CA GLY B 10 6.57 10.95 -16.97
C GLY B 10 6.37 10.12 -18.22
N ILE B 11 5.43 10.52 -19.07
CA ILE B 11 5.20 9.81 -20.33
C ILE B 11 6.45 9.83 -21.19
N PHE B 12 6.98 11.03 -21.44
CA PHE B 12 8.20 11.11 -22.25
C PHE B 12 9.37 10.43 -21.56
N GLU B 13 9.35 10.37 -20.23
CA GLU B 13 10.41 9.66 -19.51
C GLU B 13 10.38 8.18 -19.84
N VAL B 14 9.20 7.55 -19.75
CA VAL B 14 9.14 6.12 -20.06
C VAL B 14 9.42 5.88 -21.54
N VAL B 15 9.01 6.81 -22.41
CA VAL B 15 9.25 6.63 -23.84
C VAL B 15 10.75 6.65 -24.13
N TRP B 16 11.47 7.64 -23.61
CA TRP B 16 12.91 7.65 -23.85
C TRP B 16 13.59 6.49 -23.13
N ALA B 17 13.03 6.05 -22.00
CA ALA B 17 13.60 4.90 -21.29
C ALA B 17 13.59 3.65 -22.14
N ILE B 18 12.47 3.37 -22.80
CA ILE B 18 12.42 2.15 -23.60
C ILE B 18 13.12 2.34 -24.93
N ALA B 19 13.02 3.53 -25.53
CA ALA B 19 13.77 3.77 -26.76
C ALA B 19 15.26 3.68 -26.51
N LEU B 20 15.70 3.85 -25.26
CA LEU B 20 17.11 3.71 -24.93
C LEU B 20 17.57 2.26 -25.07
N LYS B 21 16.79 1.31 -24.54
CA LYS B 21 17.15 -0.09 -24.73
C LYS B 21 16.91 -0.55 -26.15
N TYR B 22 16.09 0.17 -26.92
CA TYR B 22 15.93 -0.19 -28.33
C TYR B 22 17.00 0.42 -29.23
N SER B 23 18.08 0.95 -28.67
CA SER B 23 19.09 1.63 -29.46
C SER B 23 20.45 0.95 -29.41
N ASN B 24 20.53 -0.20 -28.75
CA ASN B 24 21.80 -0.91 -28.52
C ASN B 24 22.72 0.06 -27.78
N GLY B 25 23.98 0.18 -28.19
CA GLY B 25 24.92 1.04 -27.50
C GLY B 25 24.89 2.49 -27.93
N PHE B 26 23.69 3.09 -27.95
CA PHE B 26 23.48 4.46 -28.42
C PHE B 26 23.97 4.61 -29.86
N THR B 27 23.60 3.64 -30.68
CA THR B 27 24.09 3.57 -32.07
C THR B 27 22.98 3.55 -33.10
N ARG B 28 21.85 2.90 -32.81
CA ARG B 28 20.71 2.97 -33.73
C ARG B 28 20.19 4.40 -33.79
N LEU B 29 20.20 5.01 -34.98
CA LEU B 29 19.93 6.44 -35.08
C LEU B 29 18.53 6.79 -34.56
N ILE B 30 17.51 6.12 -35.12
CA ILE B 30 16.12 6.45 -34.78
C ILE B 30 15.83 6.28 -33.31
N PRO B 31 16.17 5.16 -32.64
CA PRO B 31 15.94 5.04 -31.21
C PRO B 31 16.77 6.01 -30.39
N SER B 32 18.06 6.16 -30.70
CA SER B 32 18.93 7.08 -29.96
C SER B 32 18.29 8.45 -30.08
N MET B 33 17.74 8.71 -31.25
CA MET B 33 17.15 10.02 -31.45
C MET B 33 15.90 10.22 -30.61
N ILE B 34 15.00 9.23 -30.60
CA ILE B 34 13.81 9.27 -29.75
C ILE B 34 14.20 9.53 -28.30
N THR B 35 15.23 8.82 -27.82
CA THR B 35 15.70 9.00 -26.45
C THR B 35 16.17 10.42 -26.21
N LEU B 36 16.95 10.96 -27.14
CA LEU B 36 17.45 12.32 -26.98
C LEU B 36 16.30 13.30 -26.84
N ILE B 37 15.34 13.21 -27.76
CA ILE B 37 14.20 14.13 -27.74
C ILE B 37 13.39 13.95 -26.46
N GLY B 38 13.10 12.69 -26.11
CA GLY B 38 12.28 12.43 -24.94
C GLY B 38 12.96 12.80 -23.64
N MET B 39 14.28 12.66 -23.58
CA MET B 39 15.04 13.17 -22.45
C MET B 39 14.90 14.68 -22.34
N LEU B 40 15.19 15.39 -23.44
CA LEU B 40 15.05 16.84 -23.42
C LEU B 40 13.66 17.26 -22.97
N ILE B 41 12.62 16.61 -23.50
CA ILE B 41 11.26 17.02 -23.22
C ILE B 41 10.85 16.64 -21.80
N SER B 42 11.14 15.40 -21.39
CA SER B 42 10.85 14.97 -20.03
C SER B 42 11.47 15.91 -19.01
N PHE B 43 12.78 16.17 -19.14
CA PHE B 43 13.46 17.00 -18.15
C PHE B 43 13.03 18.45 -18.25
N TYR B 44 12.73 18.95 -19.45
CA TYR B 44 12.28 20.32 -19.61
C TYR B 44 10.92 20.53 -18.95
N LEU B 45 9.93 19.71 -19.32
CA LEU B 45 8.62 19.80 -18.69
C LEU B 45 8.68 19.52 -17.20
N LEU B 46 9.62 18.66 -16.77
CA LEU B 46 9.79 18.42 -15.34
C LEU B 46 10.25 19.68 -14.63
N SER B 47 11.21 20.40 -15.21
CA SER B 47 11.65 21.66 -14.63
C SER B 47 10.50 22.66 -14.58
N GLN B 48 9.77 22.78 -15.68
CA GLN B 48 8.63 23.69 -15.71
C GLN B 48 7.63 23.36 -14.61
N ALA B 49 7.34 22.06 -14.42
CA ALA B 49 6.43 21.66 -13.36
C ALA B 49 7.00 21.98 -11.99
N THR B 50 8.31 21.81 -11.81
CA THR B 50 8.91 22.09 -10.52
C THR B 50 8.88 23.58 -10.19
N LYS B 51 8.78 24.43 -11.22
CA LYS B 51 8.66 25.86 -10.98
C LYS B 51 7.48 26.17 -10.06
N THR B 52 6.39 25.42 -10.15
CA THR B 52 5.21 25.68 -9.34
C THR B 52 4.86 24.56 -8.38
N LEU B 53 5.48 23.41 -8.48
CA LEU B 53 5.14 22.28 -7.63
C LEU B 53 6.28 21.97 -6.66
N PRO B 54 5.97 21.43 -5.48
CA PRO B 54 7.04 21.03 -4.55
C PRO B 54 7.93 19.95 -5.16
N ILE B 55 9.23 20.06 -4.93
CA ILE B 55 10.19 19.18 -5.61
C ILE B 55 10.00 17.74 -5.17
N GLY B 56 9.83 17.49 -3.87
CA GLY B 56 9.66 16.13 -3.38
C GLY B 56 8.39 15.47 -3.89
N THR B 57 7.41 16.27 -4.29
CA THR B 57 6.16 15.75 -4.85
C THR B 57 6.25 15.59 -6.35
N ALA B 58 6.79 16.59 -7.04
CA ALA B 58 6.91 16.53 -8.50
C ALA B 58 7.85 15.41 -8.92
N TYR B 59 9.01 15.31 -8.26
CA TYR B 59 9.93 14.21 -8.56
C TYR B 59 9.27 12.86 -8.29
N ALA B 60 8.58 12.74 -7.17
CA ALA B 60 7.99 11.45 -6.82
C ALA B 60 6.92 11.04 -7.83
N ILE B 61 6.06 11.97 -8.24
CA ILE B 61 5.02 11.62 -9.20
C ILE B 61 5.63 11.34 -10.57
N TRP B 62 6.69 12.07 -10.93
CA TRP B 62 7.37 11.84 -12.20
C TRP B 62 7.97 10.43 -12.24
N THR B 63 8.70 10.06 -11.18
CA THR B 63 9.25 8.71 -11.09
C THR B 63 8.14 7.66 -11.05
N GLY B 64 7.03 7.97 -10.39
CA GLY B 64 5.93 7.02 -10.32
C GLY B 64 5.30 6.78 -11.67
N ILE B 65 5.13 7.83 -12.47
CA ILE B 65 4.61 7.65 -13.82
C ILE B 65 5.62 6.91 -14.68
N GLY B 66 6.92 7.19 -14.48
CA GLY B 66 7.93 6.41 -15.17
C GLY B 66 7.80 4.93 -14.90
N ALA B 67 7.69 4.56 -13.61
CA ALA B 67 7.58 3.15 -13.23
C ALA B 67 6.27 2.54 -13.72
N LEU B 68 5.17 3.26 -13.61
CA LEU B 68 3.88 2.73 -14.03
C LEU B 68 3.83 2.54 -15.55
N GLY B 69 4.38 3.50 -16.30
CA GLY B 69 4.47 3.32 -17.73
C GLY B 69 5.39 2.17 -18.10
N ALA B 70 6.51 2.04 -17.39
CA ALA B 70 7.42 0.92 -17.64
C ALA B 70 6.72 -0.41 -17.48
N VAL B 71 6.02 -0.60 -16.35
CA VAL B 71 5.34 -1.87 -16.14
C VAL B 71 4.22 -2.06 -17.15
N ILE B 72 3.30 -1.09 -17.24
CA ILE B 72 2.18 -1.19 -18.17
C ILE B 72 2.67 -1.56 -19.57
N CYS B 73 3.79 -0.98 -20.01
CA CYS B 73 4.34 -1.32 -21.31
C CYS B 73 4.91 -2.73 -21.34
N GLY B 74 5.60 -3.14 -20.27
CA GLY B 74 6.13 -4.50 -20.24
C GLY B 74 5.04 -5.55 -20.28
N ILE B 75 4.03 -5.41 -19.43
CA ILE B 75 2.88 -6.31 -19.43
C ILE B 75 2.21 -6.31 -20.80
N ILE B 76 1.87 -5.12 -21.30
CA ILE B 76 1.13 -5.04 -22.56
C ILE B 76 2.01 -5.47 -23.73
N PHE B 77 3.12 -4.77 -23.93
CA PHE B 77 3.92 -5.00 -25.14
C PHE B 77 4.90 -6.16 -24.96
N PHE B 78 5.86 -6.03 -24.04
CA PHE B 78 6.99 -6.94 -24.04
C PHE B 78 6.71 -8.20 -23.24
N LYS B 79 5.44 -8.58 -23.14
CA LYS B 79 4.99 -9.80 -22.49
C LYS B 79 5.59 -10.00 -21.11
N GLU B 80 4.99 -9.37 -20.10
CA GLU B 80 5.49 -9.43 -18.74
C GLU B 80 4.47 -10.14 -17.84
N PRO B 81 4.94 -10.93 -16.88
CA PRO B 81 4.01 -11.63 -15.96
C PRO B 81 3.30 -10.64 -15.05
N LEU B 82 1.98 -10.62 -15.13
CA LEU B 82 1.15 -9.78 -14.25
C LEU B 82 0.84 -10.58 -12.99
N THR B 83 1.47 -10.19 -11.88
CA THR B 83 1.29 -10.86 -10.60
C THR B 83 0.34 -10.06 -9.72
N ALA B 84 -0.18 -10.74 -8.69
CA ALA B 84 -0.99 -10.05 -7.69
C ALA B 84 -0.21 -8.94 -7.02
N LEU B 85 1.09 -9.18 -6.78
CA LEU B 85 1.94 -8.17 -6.16
C LEU B 85 2.07 -6.93 -7.03
N ARG B 86 2.33 -7.12 -8.33
CA ARG B 86 2.49 -5.97 -9.21
C ARG B 86 1.18 -5.20 -9.35
N ILE B 87 0.05 -5.90 -9.31
CA ILE B 87 -1.25 -5.23 -9.31
C ILE B 87 -1.38 -4.36 -8.07
N VAL B 88 -1.11 -4.95 -6.90
CA VAL B 88 -1.21 -4.19 -5.64
C VAL B 88 -0.28 -3.00 -5.65
N PHE B 89 0.90 -3.15 -6.26
CA PHE B 89 1.87 -2.07 -6.27
C PHE B 89 1.45 -0.94 -7.22
N MET B 90 0.94 -1.29 -8.40
CA MET B 90 0.38 -0.27 -9.28
C MET B 90 -0.79 0.45 -8.61
N ILE B 91 -1.56 -0.27 -7.79
CA ILE B 91 -2.67 0.35 -7.07
C ILE B 91 -2.15 1.33 -6.03
N LEU B 92 -1.15 0.91 -5.25
CA LEU B 92 -0.52 1.82 -4.30
C LEU B 92 0.02 3.06 -5.00
N LEU B 93 0.64 2.87 -6.17
CA LEU B 93 1.26 3.97 -6.88
C LEU B 93 0.22 4.96 -7.40
N LEU B 94 -0.84 4.45 -8.05
CA LEU B 94 -1.90 5.32 -8.53
C LEU B 94 -2.61 6.02 -7.38
N THR B 95 -2.81 5.31 -6.26
CA THR B 95 -3.43 5.94 -5.11
C THR B 95 -2.57 7.06 -4.56
N GLY B 96 -1.25 6.83 -4.50
CA GLY B 96 -0.35 7.88 -4.04
C GLY B 96 -0.39 9.10 -4.95
N ILE B 97 -0.32 8.88 -6.27
CA ILE B 97 -0.33 9.99 -7.21
C ILE B 97 -1.64 10.77 -7.09
N ILE B 98 -2.77 10.05 -7.10
CA ILE B 98 -4.08 10.69 -7.07
C ILE B 98 -4.27 11.44 -5.76
N GLY B 99 -3.91 10.84 -4.63
CA GLY B 99 -4.04 11.51 -3.36
C GLY B 99 -3.11 12.69 -3.21
N LEU B 100 -1.96 12.67 -3.89
CA LEU B 100 -1.10 13.84 -3.89
C LEU B 100 -1.71 14.98 -4.69
N LYS B 101 -2.30 14.67 -5.85
CA LYS B 101 -3.00 15.71 -6.59
C LYS B 101 -4.23 16.20 -5.82
N ALA B 102 -4.81 15.35 -4.98
CA ALA B 102 -6.04 15.67 -4.27
C ALA B 102 -5.81 16.48 -3.00
N THR B 103 -4.57 16.78 -2.63
CA THR B 103 -4.27 17.62 -1.47
C THR B 103 -3.51 18.88 -1.89
N SER B 104 -3.81 19.39 -3.08
CA SER B 104 -3.13 20.58 -3.61
C SER B 104 -3.37 21.81 -2.75
N MET C 1 -3.11 -30.72 2.23
CA MET C 1 -4.08 -31.26 3.18
C MET C 1 -4.65 -30.16 4.07
N ALA C 2 -3.85 -29.72 5.04
CA ALA C 2 -4.28 -28.63 5.92
C ALA C 2 -4.55 -27.34 5.15
N TRP C 3 -3.97 -27.21 3.94
CA TRP C 3 -4.21 -26.02 3.14
C TRP C 3 -5.67 -25.88 2.76
N LEU C 4 -6.29 -26.97 2.31
CA LEU C 4 -7.70 -26.87 1.89
C LEU C 4 -8.63 -26.78 3.09
N ILE C 5 -8.26 -27.40 4.22
CA ILE C 5 -9.03 -27.20 5.44
C ILE C 5 -8.99 -25.72 5.84
N LEU C 6 -7.84 -25.08 5.65
CA LEU C 6 -7.73 -23.63 5.87
C LEU C 6 -8.64 -22.86 4.91
N ILE C 7 -8.65 -23.26 3.64
CA ILE C 7 -9.53 -22.63 2.65
C ILE C 7 -10.98 -22.68 3.14
N ILE C 8 -11.41 -23.86 3.60
CA ILE C 8 -12.79 -24.03 4.04
C ILE C 8 -13.05 -23.28 5.34
N ALA C 9 -12.04 -23.13 6.19
CA ALA C 9 -12.21 -22.28 7.37
C ALA C 9 -12.50 -20.85 6.96
N GLY C 10 -11.79 -20.33 5.96
CA GLY C 10 -12.11 -19.02 5.43
C GLY C 10 -13.50 -18.94 4.79
N ILE C 11 -13.90 -20.03 4.12
CA ILE C 11 -15.24 -20.09 3.56
C ILE C 11 -16.29 -19.93 4.65
N PHE C 12 -16.10 -20.65 5.76
CA PHE C 12 -17.07 -20.51 6.84
C PHE C 12 -16.94 -19.17 7.56
N GLU C 13 -15.77 -18.55 7.48
CA GLU C 13 -15.62 -17.16 7.93
C GLU C 13 -16.60 -16.27 7.19
N VAL C 14 -16.56 -16.29 5.86
CA VAL C 14 -17.50 -15.44 5.11
C VAL C 14 -18.93 -15.92 5.31
N VAL C 15 -19.12 -17.22 5.55
CA VAL C 15 -20.46 -17.75 5.82
C VAL C 15 -21.06 -17.08 7.05
N TRP C 16 -20.35 -17.12 8.18
CA TRP C 16 -20.91 -16.52 9.38
C TRP C 16 -20.96 -15.00 9.29
N ALA C 17 -20.10 -14.38 8.47
CA ALA C 17 -20.25 -12.95 8.22
C ALA C 17 -21.60 -12.64 7.59
N ILE C 18 -21.90 -13.30 6.46
CA ILE C 18 -23.16 -13.05 5.77
C ILE C 18 -24.34 -13.43 6.66
N ALA C 19 -24.20 -14.51 7.43
CA ALA C 19 -25.27 -14.92 8.34
C ALA C 19 -25.50 -13.89 9.44
N LEU C 20 -24.43 -13.23 9.89
CA LEU C 20 -24.59 -12.15 10.85
C LEU C 20 -25.27 -10.94 10.22
N LYS C 21 -25.04 -10.71 8.93
CA LYS C 21 -25.73 -9.60 8.29
C LYS C 21 -27.23 -9.88 8.17
N TYR C 22 -27.60 -11.12 7.81
CA TYR C 22 -29.01 -11.51 7.83
C TYR C 22 -29.58 -11.60 9.24
N SER C 23 -28.73 -11.57 10.26
CA SER C 23 -29.16 -11.78 11.64
C SER C 23 -29.84 -10.55 12.25
N ASN C 24 -29.76 -9.40 11.57
CA ASN C 24 -30.30 -8.13 12.04
C ASN C 24 -30.00 -7.91 13.52
N GLY C 25 -28.71 -8.02 13.86
CA GLY C 25 -28.26 -7.87 15.23
C GLY C 25 -28.65 -9.02 16.14
N PHE C 26 -28.42 -10.26 15.70
N PHE C 26 -28.43 -10.25 15.71
CA PHE C 26 -28.67 -11.45 16.51
CA PHE C 26 -28.68 -11.44 16.53
C PHE C 26 -30.13 -11.54 16.96
C PHE C 26 -30.14 -11.50 16.99
N THR C 27 -31.05 -11.24 16.05
CA THR C 27 -32.47 -11.30 16.35
C THR C 27 -33.22 -12.35 15.53
N ARG C 28 -32.82 -12.63 14.31
CA ARG C 28 -33.47 -13.64 13.49
C ARG C 28 -32.78 -14.98 13.74
N LEU C 29 -33.48 -15.89 14.41
CA LEU C 29 -32.99 -17.25 14.54
C LEU C 29 -32.85 -17.89 13.16
N ILE C 30 -31.82 -18.71 13.02
CA ILE C 30 -31.29 -19.35 11.80
C ILE C 30 -30.11 -18.52 11.30
N PRO C 31 -30.27 -17.25 10.84
CA PRO C 31 -29.07 -16.47 10.56
C PRO C 31 -28.17 -16.32 11.78
N SER C 32 -28.77 -16.17 12.96
CA SER C 32 -27.98 -16.18 14.20
C SER C 32 -27.34 -17.54 14.42
N MET C 33 -28.08 -18.62 14.13
CA MET C 33 -27.52 -19.96 14.34
C MET C 33 -26.50 -20.31 13.27
N ILE C 34 -26.75 -19.93 12.01
CA ILE C 34 -25.70 -20.08 11.01
C ILE C 34 -24.47 -19.31 11.43
N THR C 35 -24.65 -18.10 11.98
CA THR C 35 -23.54 -17.31 12.49
C THR C 35 -22.73 -18.08 13.54
N LEU C 36 -23.41 -18.57 14.58
CA LEU C 36 -22.71 -19.25 15.67
C LEU C 36 -22.01 -20.51 15.18
N ILE C 37 -22.74 -21.38 14.47
CA ILE C 37 -22.14 -22.65 14.05
C ILE C 37 -21.04 -22.41 13.03
N GLY C 38 -21.15 -21.36 12.21
CA GLY C 38 -20.08 -21.06 11.27
C GLY C 38 -18.86 -20.52 11.95
N MET C 39 -19.04 -19.72 13.00
CA MET C 39 -17.90 -19.33 13.83
C MET C 39 -17.20 -20.54 14.40
N LEU C 40 -17.97 -21.46 15.00
CA LEU C 40 -17.37 -22.66 15.59
C LEU C 40 -16.62 -23.48 14.54
N ILE C 41 -17.25 -23.69 13.37
CA ILE C 41 -16.62 -24.47 12.32
C ILE C 41 -15.36 -23.80 11.83
N SER C 42 -15.42 -22.49 11.59
CA SER C 42 -14.26 -21.76 11.08
C SER C 42 -13.10 -21.82 12.06
N PHE C 43 -13.38 -21.58 13.35
CA PHE C 43 -12.30 -21.60 14.34
C PHE C 43 -11.72 -22.99 14.51
N TYR C 44 -12.58 -24.02 14.52
CA TYR C 44 -12.08 -25.39 14.65
C TYR C 44 -11.20 -25.77 13.47
N LEU C 45 -11.69 -25.52 12.25
CA LEU C 45 -10.90 -25.86 11.07
C LEU C 45 -9.63 -25.01 11.00
N LEU C 46 -9.65 -23.79 11.54
CA LEU C 46 -8.42 -23.01 11.59
C LEU C 46 -7.41 -23.63 12.54
N SER C 47 -7.86 -24.08 13.71
CA SER C 47 -6.96 -24.78 14.63
C SER C 47 -6.38 -26.02 13.96
N GLN C 48 -7.21 -26.78 13.25
CA GLN C 48 -6.75 -27.99 12.59
C GLN C 48 -5.72 -27.67 11.51
N ALA C 49 -6.05 -26.73 10.60
CA ALA C 49 -5.10 -26.35 9.56
C ALA C 49 -3.85 -25.69 10.13
N THR C 50 -3.94 -25.14 11.34
CA THR C 50 -2.80 -24.53 12.00
C THR C 50 -1.89 -25.58 12.62
N LYS C 51 -2.45 -26.74 13.00
CA LYS C 51 -1.62 -27.85 13.45
C LYS C 51 -0.43 -28.08 12.52
N THR C 52 -0.66 -27.97 11.21
CA THR C 52 0.39 -28.14 10.20
C THR C 52 0.93 -26.81 9.70
N LEU C 53 0.07 -26.00 9.09
CA LEU C 53 0.52 -24.84 8.32
C LEU C 53 1.14 -23.77 9.21
N PRO C 54 1.99 -22.92 8.64
CA PRO C 54 2.57 -21.82 9.43
C PRO C 54 1.48 -20.86 9.90
N ILE C 55 1.55 -20.50 11.19
CA ILE C 55 0.52 -19.63 11.76
C ILE C 55 0.37 -18.36 10.94
N GLY C 56 1.48 -17.67 10.68
CA GLY C 56 1.43 -16.42 9.93
C GLY C 56 0.67 -16.52 8.63
N THR C 57 1.13 -17.41 7.74
CA THR C 57 0.46 -17.58 6.45
C THR C 57 -0.94 -18.17 6.60
N ALA C 58 -1.15 -19.05 7.58
CA ALA C 58 -2.48 -19.63 7.76
C ALA C 58 -3.50 -18.54 8.11
N TYR C 59 -3.19 -17.72 9.11
CA TYR C 59 -4.06 -16.60 9.45
C TYR C 59 -4.17 -15.62 8.29
N ALA C 60 -3.07 -15.38 7.58
CA ALA C 60 -3.10 -14.48 6.43
C ALA C 60 -4.16 -14.92 5.43
N ILE C 61 -4.07 -16.17 4.97
CA ILE C 61 -5.02 -16.66 3.98
C ILE C 61 -6.42 -16.79 4.58
N TRP C 62 -6.52 -17.14 5.87
CA TRP C 62 -7.82 -17.27 6.51
C TRP C 62 -8.59 -15.96 6.48
N THR C 63 -8.01 -14.92 7.08
CA THR C 63 -8.69 -13.63 7.08
C THR C 63 -8.72 -13.00 5.69
N GLY C 64 -7.79 -13.37 4.79
CA GLY C 64 -7.89 -12.89 3.43
C GLY C 64 -9.14 -13.40 2.75
N ILE C 65 -9.35 -14.72 2.79
CA ILE C 65 -10.58 -15.29 2.24
C ILE C 65 -11.80 -14.72 2.95
N GLY C 66 -11.75 -14.65 4.27
CA GLY C 66 -12.87 -14.11 5.03
C GLY C 66 -13.27 -12.71 4.59
N ALA C 67 -12.32 -11.78 4.64
CA ALA C 67 -12.59 -10.40 4.29
C ALA C 67 -12.96 -10.25 2.82
N LEU C 68 -12.18 -10.85 1.92
CA LEU C 68 -12.45 -10.71 0.49
C LEU C 68 -13.83 -11.26 0.15
N GLY C 69 -14.16 -12.45 0.65
CA GLY C 69 -15.45 -13.05 0.35
C GLY C 69 -16.59 -12.29 0.98
N ALA C 70 -16.39 -11.75 2.18
CA ALA C 70 -17.44 -10.92 2.78
C ALA C 70 -17.69 -9.68 1.93
N VAL C 71 -16.61 -9.06 1.42
CA VAL C 71 -16.74 -7.87 0.59
C VAL C 71 -17.37 -8.19 -0.75
N ILE C 72 -17.17 -9.40 -1.27
CA ILE C 72 -17.80 -9.80 -2.53
C ILE C 72 -19.28 -10.09 -2.32
N CYS C 73 -19.58 -11.00 -1.39
CA CYS C 73 -20.96 -11.38 -1.12
C CYS C 73 -21.78 -10.22 -0.57
N GLY C 74 -21.14 -9.18 -0.04
CA GLY C 74 -21.88 -7.99 0.33
C GLY C 74 -22.34 -7.21 -0.89
N ILE C 75 -21.41 -6.91 -1.80
CA ILE C 75 -21.77 -6.24 -3.06
C ILE C 75 -22.82 -7.05 -3.81
N ILE C 76 -22.83 -8.37 -3.62
CA ILE C 76 -23.82 -9.19 -4.31
C ILE C 76 -25.15 -9.25 -3.55
N PHE C 77 -25.20 -10.04 -2.47
CA PHE C 77 -26.46 -10.36 -1.82
C PHE C 77 -27.17 -9.10 -1.32
N PHE C 78 -26.46 -8.27 -0.55
CA PHE C 78 -27.02 -7.05 -0.01
C PHE C 78 -26.76 -5.86 -0.92
N LYS C 79 -26.35 -6.11 -2.17
CA LYS C 79 -26.06 -5.09 -3.18
C LYS C 79 -25.39 -3.88 -2.56
N GLU C 80 -24.22 -4.10 -1.97
CA GLU C 80 -23.46 -3.07 -1.28
C GLU C 80 -22.65 -2.25 -2.28
N PRO C 81 -22.23 -1.04 -1.90
CA PRO C 81 -21.63 -0.13 -2.87
C PRO C 81 -20.36 -0.70 -3.50
N LEU C 82 -20.16 -0.35 -4.77
CA LEU C 82 -19.03 -0.82 -5.58
C LEU C 82 -18.45 0.39 -6.31
N THR C 83 -17.87 1.31 -5.55
CA THR C 83 -17.21 2.48 -6.10
C THR C 83 -15.71 2.22 -6.22
N ALA C 84 -15.07 2.92 -7.17
CA ALA C 84 -13.64 2.78 -7.34
C ALA C 84 -12.90 3.13 -6.05
N LEU C 85 -13.36 4.15 -5.35
CA LEU C 85 -12.76 4.51 -4.06
C LEU C 85 -12.87 3.36 -3.07
N ARG C 86 -14.10 2.91 -2.80
CA ARG C 86 -14.31 1.87 -1.79
C ARG C 86 -13.50 0.62 -2.10
N ILE C 87 -13.41 0.24 -3.37
CA ILE C 87 -12.66 -0.97 -3.70
C ILE C 87 -11.16 -0.72 -3.56
N VAL C 88 -10.68 0.48 -3.91
CA VAL C 88 -9.27 0.78 -3.72
C VAL C 88 -8.90 0.75 -2.24
N PHE C 89 -9.73 1.34 -1.40
CA PHE C 89 -9.43 1.36 0.03
C PHE C 89 -9.64 -0.01 0.65
N MET C 90 -10.54 -0.81 0.10
CA MET C 90 -10.64 -2.20 0.52
C MET C 90 -9.39 -2.98 0.16
N ILE C 91 -8.83 -2.71 -1.01
CA ILE C 91 -7.56 -3.34 -1.38
C ILE C 91 -6.48 -2.94 -0.38
N LEU C 92 -6.38 -1.65 -0.08
CA LEU C 92 -5.38 -1.20 0.88
C LEU C 92 -5.56 -1.88 2.23
N LEU C 93 -6.81 -1.94 2.70
CA LEU C 93 -7.09 -2.51 4.01
C LEU C 93 -6.79 -4.00 4.05
N LEU C 94 -7.21 -4.74 3.02
CA LEU C 94 -6.96 -6.17 2.97
C LEU C 94 -5.48 -6.48 2.85
N THR C 95 -4.76 -5.69 2.04
CA THR C 95 -3.32 -5.91 1.92
C THR C 95 -2.63 -5.65 3.26
N GLY C 96 -3.02 -4.59 3.96
CA GLY C 96 -2.44 -4.33 5.27
C GLY C 96 -2.71 -5.46 6.26
N ILE C 97 -3.96 -5.91 6.32
CA ILE C 97 -4.34 -7.01 7.21
C ILE C 97 -3.52 -8.25 6.88
N ILE C 98 -3.56 -8.65 5.61
CA ILE C 98 -2.88 -9.87 5.16
C ILE C 98 -1.40 -9.80 5.51
N GLY C 99 -0.78 -8.64 5.27
CA GLY C 99 0.64 -8.51 5.55
C GLY C 99 0.96 -8.59 7.03
N LEU C 100 0.21 -7.85 7.86
CA LEU C 100 0.45 -7.89 9.29
C LEU C 100 0.31 -9.30 9.85
N LYS C 101 -0.70 -10.03 9.39
CA LYS C 101 -0.89 -11.40 9.86
C LYS C 101 0.14 -12.36 9.26
N ALA C 102 0.72 -12.03 8.11
CA ALA C 102 1.74 -12.88 7.49
C ALA C 102 3.14 -12.61 8.00
N THR C 103 3.37 -11.50 8.71
CA THR C 103 4.69 -11.17 9.23
C THR C 103 4.87 -11.55 10.70
N SER C 104 3.92 -12.28 11.28
CA SER C 104 4.02 -12.63 12.70
C SER C 104 5.17 -13.61 12.96
N MET D 1 -21.46 6.60 14.37
CA MET D 1 -21.93 5.95 15.59
C MET D 1 -21.82 4.43 15.45
N ALA D 2 -22.28 3.90 14.31
CA ALA D 2 -21.98 2.51 13.99
C ALA D 2 -20.48 2.30 13.80
N TRP D 3 -19.79 3.33 13.31
CA TRP D 3 -18.34 3.25 13.17
C TRP D 3 -17.66 3.21 14.53
N LEU D 4 -18.16 4.00 15.49
CA LEU D 4 -17.65 3.94 16.85
C LEU D 4 -17.84 2.54 17.44
N ILE D 5 -19.05 2.01 17.30
CA ILE D 5 -19.34 0.65 17.78
C ILE D 5 -18.42 -0.36 17.12
N LEU D 6 -18.08 -0.13 15.84
CA LEU D 6 -17.19 -1.04 15.13
C LEU D 6 -15.78 -0.99 15.70
N ILE D 7 -15.27 0.22 15.95
CA ILE D 7 -13.95 0.36 16.57
C ILE D 7 -13.92 -0.35 17.92
N ILE D 8 -14.98 -0.18 18.70
CA ILE D 8 -15.04 -0.80 20.02
C ILE D 8 -15.12 -2.32 19.90
N ALA D 9 -15.82 -2.81 18.88
CA ALA D 9 -15.86 -4.25 18.63
C ALA D 9 -14.46 -4.78 18.32
N GLY D 10 -13.69 -4.05 17.53
CA GLY D 10 -12.31 -4.45 17.28
C GLY D 10 -11.46 -4.45 18.54
N ILE D 11 -11.68 -3.46 19.41
CA ILE D 11 -10.95 -3.39 20.68
C ILE D 11 -11.23 -4.63 21.52
N PHE D 12 -12.51 -4.94 21.71
CA PHE D 12 -12.82 -6.13 22.50
C PHE D 12 -12.40 -7.40 21.80
N GLU D 13 -12.32 -7.37 20.46
CA GLU D 13 -11.75 -8.48 19.71
C GLU D 13 -10.32 -8.74 20.13
N VAL D 14 -9.48 -7.70 20.13
CA VAL D 14 -8.07 -7.92 20.45
C VAL D 14 -7.90 -8.31 21.92
N VAL D 15 -8.73 -7.75 22.80
CA VAL D 15 -8.55 -8.08 24.22
C VAL D 15 -8.96 -9.53 24.48
N TRP D 16 -10.04 -10.02 23.86
CA TRP D 16 -10.39 -11.41 24.11
C TRP D 16 -9.39 -12.35 23.43
N ALA D 17 -8.78 -11.92 22.32
CA ALA D 17 -7.73 -12.73 21.72
C ALA D 17 -6.55 -12.91 22.69
N ILE D 18 -6.01 -11.79 23.20
CA ILE D 18 -4.85 -11.92 24.07
C ILE D 18 -5.21 -12.62 25.37
N ALA D 19 -6.43 -12.41 25.87
CA ALA D 19 -6.83 -13.11 27.10
C ALA D 19 -7.01 -14.60 26.85
N LEU D 20 -7.37 -14.98 25.62
CA LEU D 20 -7.42 -16.39 25.27
C LEU D 20 -6.03 -16.99 25.25
N LYS D 21 -5.06 -16.23 24.76
CA LYS D 21 -3.67 -16.62 24.94
C LYS D 21 -3.34 -16.82 26.42
N TYR D 22 -3.73 -15.85 27.26
CA TYR D 22 -3.30 -15.84 28.65
C TYR D 22 -4.12 -16.76 29.55
N SER D 23 -5.19 -17.37 29.03
CA SER D 23 -5.77 -18.51 29.72
C SER D 23 -4.92 -19.73 29.38
N ASN D 24 -5.48 -20.92 29.48
CA ASN D 24 -4.81 -22.08 28.91
C ASN D 24 -5.80 -22.84 28.05
N GLY D 25 -6.08 -24.09 28.40
CA GLY D 25 -7.16 -24.79 27.72
C GLY D 25 -8.50 -24.29 28.19
N PHE D 26 -8.67 -22.96 28.20
CA PHE D 26 -9.81 -22.29 28.84
C PHE D 26 -9.91 -22.72 30.31
N THR D 27 -8.80 -22.59 31.03
CA THR D 27 -8.72 -23.10 32.39
C THR D 27 -8.42 -22.04 33.44
N ARG D 28 -7.61 -21.02 33.11
CA ARG D 28 -7.39 -19.92 34.05
C ARG D 28 -8.65 -19.06 34.13
N LEU D 29 -9.21 -18.96 35.34
CA LEU D 29 -10.55 -18.38 35.49
C LEU D 29 -10.61 -16.94 34.99
N ILE D 30 -9.69 -16.10 35.46
CA ILE D 30 -9.73 -14.68 35.07
C ILE D 30 -9.56 -14.49 33.58
N PRO D 31 -8.52 -15.04 32.92
CA PRO D 31 -8.45 -14.91 31.47
C PRO D 31 -9.61 -15.57 30.75
N SER D 32 -10.11 -16.72 31.22
CA SER D 32 -11.25 -17.35 30.58
C SER D 32 -12.47 -16.42 30.59
N MET D 33 -12.72 -15.80 31.73
CA MET D 33 -13.86 -14.89 31.84
C MET D 33 -13.65 -13.64 30.99
N ILE D 34 -12.43 -13.12 30.95
CA ILE D 34 -12.16 -11.97 30.10
C ILE D 34 -12.43 -12.33 28.64
N THR D 35 -12.02 -13.54 28.23
CA THR D 35 -12.29 -13.99 26.86
C THR D 35 -13.79 -14.08 26.61
N LEU D 36 -14.53 -14.68 27.54
CA LEU D 36 -15.96 -14.85 27.33
C LEU D 36 -16.65 -13.49 27.20
N ILE D 37 -16.34 -12.57 28.11
CA ILE D 37 -16.95 -11.24 28.08
C ILE D 37 -16.55 -10.50 26.82
N GLY D 38 -15.26 -10.54 26.46
CA GLY D 38 -14.80 -9.83 25.28
C GLY D 38 -15.37 -10.41 24.00
N MET D 39 -15.54 -11.73 23.95
CA MET D 39 -16.18 -12.36 22.80
C MET D 39 -17.63 -11.90 22.68
N LEU D 40 -18.38 -12.00 23.78
CA LEU D 40 -19.78 -11.58 23.75
C LEU D 40 -19.90 -10.14 23.31
N ILE D 41 -19.07 -9.25 23.87
CA ILE D 41 -19.18 -7.83 23.58
C ILE D 41 -18.73 -7.54 22.15
N SER D 42 -17.59 -8.10 21.74
CA SER D 42 -17.10 -7.90 20.38
C SER D 42 -18.15 -8.31 19.36
N PHE D 43 -18.69 -9.54 19.49
CA PHE D 43 -19.61 -10.01 18.47
C PHE D 43 -20.96 -9.32 18.57
N TYR D 44 -21.39 -8.92 19.77
CA TYR D 44 -22.64 -8.18 19.90
C TYR D 44 -22.54 -6.81 19.23
N LEU D 45 -21.52 -6.04 19.59
CA LEU D 45 -21.32 -4.74 18.97
C LEU D 45 -21.06 -4.87 17.48
N LEU D 46 -20.45 -5.98 17.06
CA LEU D 46 -20.25 -6.22 15.63
C LEU D 46 -21.59 -6.42 14.92
N SER D 47 -22.49 -7.21 15.52
CA SER D 47 -23.82 -7.38 14.94
C SER D 47 -24.54 -6.03 14.87
N GLN D 48 -24.48 -5.25 15.96
CA GLN D 48 -25.10 -3.94 15.97
C GLN D 48 -24.56 -3.08 14.84
N ALA D 49 -23.24 -3.06 14.65
CA ALA D 49 -22.65 -2.26 13.58
C ALA D 49 -23.08 -2.78 12.22
N THR D 50 -23.21 -4.09 12.07
CA THR D 50 -23.65 -4.65 10.79
C THR D 50 -25.11 -4.35 10.51
N LYS D 51 -25.90 -4.00 11.53
CA LYS D 51 -27.28 -3.59 11.29
C LYS D 51 -27.37 -2.41 10.33
N THR D 52 -26.37 -1.51 10.37
CA THR D 52 -26.44 -0.26 9.62
C THR D 52 -25.27 -0.03 8.69
N LEU D 53 -24.26 -0.90 8.68
CA LEU D 53 -23.11 -0.77 7.80
C LEU D 53 -23.02 -1.99 6.89
N PRO D 54 -22.39 -1.86 5.72
CA PRO D 54 -22.23 -3.02 4.83
C PRO D 54 -21.38 -4.10 5.48
N ILE D 55 -21.71 -5.36 5.20
CA ILE D 55 -21.03 -6.47 5.87
C ILE D 55 -19.58 -6.57 5.40
N GLY D 56 -19.34 -6.34 4.11
CA GLY D 56 -17.97 -6.41 3.62
C GLY D 56 -17.08 -5.33 4.21
N THR D 57 -17.64 -4.13 4.41
CA THR D 57 -16.87 -3.05 5.02
C THR D 57 -16.70 -3.28 6.52
N ALA D 58 -17.77 -3.67 7.20
CA ALA D 58 -17.74 -3.80 8.65
C ALA D 58 -16.85 -4.95 9.10
N TYR D 59 -16.99 -6.11 8.46
CA TYR D 59 -16.11 -7.24 8.79
C TYR D 59 -14.66 -6.87 8.54
N ALA D 60 -14.39 -6.23 7.40
CA ALA D 60 -13.01 -5.89 7.06
C ALA D 60 -12.40 -4.95 8.09
N ILE D 61 -13.15 -3.91 8.48
CA ILE D 61 -12.59 -2.96 9.44
C ILE D 61 -12.48 -3.58 10.82
N TRP D 62 -13.41 -4.47 11.18
CA TRP D 62 -13.33 -5.15 12.48
C TRP D 62 -12.10 -6.05 12.55
N THR D 63 -11.85 -6.85 11.52
CA THR D 63 -10.64 -7.66 11.45
C THR D 63 -9.39 -6.78 11.40
N GLY D 64 -9.49 -5.63 10.72
CA GLY D 64 -8.34 -4.74 10.64
C GLY D 64 -7.95 -4.17 12.00
N ILE D 65 -8.95 -3.78 12.79
CA ILE D 65 -8.65 -3.31 14.14
C ILE D 65 -8.15 -4.46 15.00
N GLY D 66 -8.70 -5.66 14.80
CA GLY D 66 -8.13 -6.83 15.46
C GLY D 66 -6.65 -6.97 15.22
N ALA D 67 -6.24 -6.90 13.94
CA ALA D 67 -4.82 -7.07 13.59
C ALA D 67 -3.98 -5.90 14.09
N LEU D 68 -4.48 -4.66 13.96
CA LEU D 68 -3.72 -3.50 14.38
C LEU D 68 -3.52 -3.50 15.89
N GLY D 69 -4.56 -3.81 16.65
CA GLY D 69 -4.41 -3.96 18.08
C GLY D 69 -3.49 -5.10 18.45
N ALA D 70 -3.59 -6.22 17.71
CA ALA D 70 -2.72 -7.36 17.96
C ALA D 70 -1.26 -6.98 17.85
N VAL D 71 -0.88 -6.30 16.76
CA VAL D 71 0.52 -5.91 16.59
C VAL D 71 0.89 -4.82 17.59
N ILE D 72 0.15 -3.70 17.59
CA ILE D 72 0.40 -2.59 18.50
C ILE D 72 0.52 -3.07 19.95
N CYS D 73 -0.09 -4.22 20.26
CA CYS D 73 0.06 -4.83 21.58
C CYS D 73 1.25 -5.78 21.66
N GLY D 74 1.62 -6.46 20.58
CA GLY D 74 2.80 -7.31 20.64
C GLY D 74 4.08 -6.51 20.69
N ILE D 75 4.14 -5.41 19.95
CA ILE D 75 5.28 -4.51 19.98
C ILE D 75 5.43 -3.86 21.35
N ILE D 76 4.32 -3.46 21.96
CA ILE D 76 4.36 -2.66 23.18
C ILE D 76 4.33 -3.49 24.47
N PHE D 77 3.78 -4.70 24.42
CA PHE D 77 3.68 -5.58 25.58
C PHE D 77 4.43 -6.89 25.41
N PHE D 78 4.35 -7.52 24.24
CA PHE D 78 5.05 -8.77 23.95
C PHE D 78 6.49 -8.55 23.50
N LYS D 79 6.95 -7.30 23.49
CA LYS D 79 8.26 -6.89 22.96
C LYS D 79 8.67 -7.67 21.72
N GLU D 80 8.15 -7.27 20.56
CA GLU D 80 8.42 -7.91 19.28
C GLU D 80 8.91 -6.87 18.28
N PRO D 81 9.68 -7.28 17.27
CA PRO D 81 10.37 -6.30 16.42
C PRO D 81 9.42 -5.55 15.50
N LEU D 82 9.43 -4.23 15.63
CA LEU D 82 8.81 -3.37 14.64
C LEU D 82 9.72 -3.28 13.42
N THR D 83 9.28 -3.88 12.31
CA THR D 83 10.03 -3.88 11.06
C THR D 83 9.49 -2.77 10.15
N ALA D 84 10.21 -2.54 9.05
CA ALA D 84 9.74 -1.60 8.03
C ALA D 84 8.44 -2.09 7.42
N LEU D 85 8.40 -3.38 7.06
CA LEU D 85 7.20 -3.98 6.49
C LEU D 85 5.99 -3.75 7.40
N ARG D 86 6.10 -4.17 8.66
CA ARG D 86 4.97 -4.06 9.58
C ARG D 86 4.48 -2.61 9.71
N ILE D 87 5.40 -1.65 9.66
CA ILE D 87 4.99 -0.24 9.68
C ILE D 87 4.18 0.08 8.44
N VAL D 88 4.70 -0.28 7.26
CA VAL D 88 3.99 0.04 6.02
C VAL D 88 2.64 -0.66 5.98
N PHE D 89 2.55 -1.85 6.58
CA PHE D 89 1.28 -2.58 6.61
C PHE D 89 0.29 -1.91 7.54
N MET D 90 0.75 -1.46 8.71
CA MET D 90 -0.12 -0.69 9.59
C MET D 90 -0.61 0.59 8.89
N ILE D 91 0.26 1.19 8.07
CA ILE D 91 -0.12 2.41 7.37
C ILE D 91 -1.17 2.13 6.30
N LEU D 92 -0.95 1.08 5.50
CA LEU D 92 -1.97 0.66 4.54
C LEU D 92 -3.29 0.36 5.24
N LEU D 93 -3.21 -0.28 6.42
CA LEU D 93 -4.42 -0.67 7.15
C LEU D 93 -5.19 0.55 7.63
N LEU D 94 -4.49 1.49 8.30
CA LEU D 94 -5.14 2.70 8.77
C LEU D 94 -5.65 3.54 7.61
N THR D 95 -4.94 3.57 6.48
CA THR D 95 -5.42 4.32 5.33
C THR D 95 -6.69 3.70 4.77
N GLY D 96 -6.72 2.37 4.64
CA GLY D 96 -7.94 1.71 4.19
C GLY D 96 -9.11 1.98 5.11
N ILE D 97 -8.88 1.88 6.42
CA ILE D 97 -9.95 2.14 7.39
C ILE D 97 -10.46 3.57 7.26
N ILE D 98 -9.54 4.54 7.36
CA ILE D 98 -9.91 5.95 7.36
C ILE D 98 -10.60 6.32 6.06
N GLY D 99 -10.14 5.77 4.94
CA GLY D 99 -10.76 6.08 3.66
C GLY D 99 -12.14 5.45 3.51
N LEU D 100 -12.31 4.22 4.01
CA LEU D 100 -13.64 3.61 3.99
C LEU D 100 -14.62 4.43 4.80
N LYS D 101 -14.20 4.91 5.97
CA LYS D 101 -15.06 5.80 6.74
C LYS D 101 -15.28 7.12 6.03
N ALA D 102 -14.28 7.59 5.28
CA ALA D 102 -14.40 8.88 4.60
C ALA D 102 -15.37 8.83 3.43
N THR D 103 -15.43 7.70 2.72
CA THR D 103 -16.41 7.54 1.64
C THR D 103 -17.75 7.04 2.12
N SER D 104 -18.20 7.52 3.29
CA SER D 104 -19.48 7.09 3.85
C SER D 104 -20.66 7.62 3.04
N SER E 3 -46.29 -9.38 11.86
CA SER E 3 -46.52 -10.72 11.30
C SER E 3 -46.44 -11.78 12.40
N VAL E 4 -45.22 -12.05 12.86
CA VAL E 4 -44.99 -13.01 13.93
C VAL E 4 -44.65 -12.23 15.20
N PRO E 5 -45.05 -12.71 16.38
CA PRO E 5 -45.75 -13.99 16.61
C PRO E 5 -47.23 -13.93 16.22
N THR E 6 -47.86 -15.10 16.14
CA THR E 6 -49.25 -15.20 15.74
C THR E 6 -49.92 -16.30 16.57
N LYS E 7 -51.24 -16.18 16.72
CA LYS E 7 -52.06 -17.21 17.37
C LYS E 7 -51.57 -17.49 18.79
N LEU E 8 -51.58 -16.45 19.62
CA LEU E 8 -51.24 -16.59 21.04
C LEU E 8 -52.44 -17.15 21.77
N GLU E 9 -52.42 -18.44 22.06
CA GLU E 9 -53.52 -19.10 22.74
C GLU E 9 -53.02 -19.72 24.04
N VAL E 10 -53.95 -19.96 24.96
CA VAL E 10 -53.66 -20.63 26.22
C VAL E 10 -53.90 -22.12 26.01
N VAL E 11 -52.82 -22.89 25.94
CA VAL E 11 -52.94 -24.34 25.73
C VAL E 11 -53.58 -25.00 26.93
N ALA E 12 -52.93 -24.89 28.09
CA ALA E 12 -53.41 -25.48 29.34
C ALA E 12 -53.46 -24.40 30.40
N ALA E 13 -54.13 -24.70 31.51
CA ALA E 13 -54.32 -23.69 32.55
C ALA E 13 -54.55 -24.37 33.89
N THR E 14 -54.61 -23.55 34.92
CA THR E 14 -54.73 -23.94 36.32
C THR E 14 -55.04 -22.66 37.09
N PRO E 15 -55.77 -22.72 38.22
CA PRO E 15 -55.93 -21.53 39.07
C PRO E 15 -54.67 -20.68 39.21
N THR E 16 -53.49 -21.31 39.17
CA THR E 16 -52.24 -20.59 39.42
C THR E 16 -51.30 -20.53 38.23
N SER E 17 -51.59 -21.19 37.11
CA SER E 17 -50.61 -21.24 36.04
C SER E 17 -51.30 -21.37 34.68
N LEU E 18 -50.63 -20.84 33.66
CA LEU E 18 -51.09 -20.89 32.28
C LEU E 18 -49.98 -21.42 31.40
N LEU E 19 -50.34 -22.28 30.44
CA LEU E 19 -49.43 -22.76 29.41
C LEU E 19 -49.85 -22.10 28.10
N ILE E 20 -49.06 -21.15 27.62
CA ILE E 20 -49.39 -20.39 26.43
C ILE E 20 -48.59 -20.93 25.25
N SER E 21 -49.04 -20.59 24.05
CA SER E 21 -48.32 -20.93 22.83
C SER E 21 -48.63 -19.88 21.77
N TRP E 22 -47.80 -19.85 20.73
CA TRP E 22 -47.96 -18.89 19.65
C TRP E 22 -47.31 -19.46 18.40
N ASP E 23 -47.68 -18.89 17.25
CA ASP E 23 -47.13 -19.31 15.97
C ASP E 23 -45.82 -18.56 15.74
N ALA E 24 -44.71 -19.30 15.73
CA ALA E 24 -43.42 -18.67 15.48
C ALA E 24 -43.33 -18.07 14.09
N GLY E 25 -44.04 -18.66 13.13
CA GLY E 25 -43.99 -18.23 11.75
C GLY E 25 -43.11 -19.12 10.90
N HIS E 26 -42.77 -18.62 9.72
CA HIS E 26 -41.88 -19.33 8.82
C HIS E 26 -40.44 -19.21 9.31
N TRP E 27 -39.58 -20.09 8.80
CA TRP E 27 -38.20 -20.18 9.27
C TRP E 27 -37.44 -18.87 9.09
N TRP E 28 -37.86 -18.01 8.16
CA TRP E 28 -37.26 -16.69 8.03
C TRP E 28 -37.87 -15.67 8.96
N GLU E 29 -39.05 -15.95 9.51
CA GLU E 29 -39.67 -15.10 10.52
C GLU E 29 -39.27 -15.47 11.94
N TRP E 30 -38.65 -16.63 12.13
CA TRP E 30 -38.22 -17.05 13.46
C TRP E 30 -37.24 -16.05 14.04
N VAL E 31 -37.38 -15.80 15.34
CA VAL E 31 -36.52 -14.87 16.05
C VAL E 31 -35.69 -15.65 17.08
N THR E 32 -34.65 -14.99 17.59
CA THR E 32 -33.80 -15.66 18.56
C THR E 32 -34.46 -15.77 19.94
N TYR E 33 -35.36 -14.85 20.25
CA TYR E 33 -36.00 -14.86 21.56
C TYR E 33 -37.32 -14.10 21.50
N TYR E 34 -38.30 -14.59 22.26
CA TYR E 34 -39.51 -13.85 22.57
C TYR E 34 -39.46 -13.44 24.03
N ARG E 35 -39.91 -12.22 24.33
CA ARG E 35 -40.09 -11.79 25.70
C ARG E 35 -41.59 -11.71 25.99
N ILE E 36 -42.01 -12.36 27.07
CA ILE E 36 -43.41 -12.49 27.43
C ILE E 36 -43.70 -11.58 28.61
N THR E 37 -44.83 -10.89 28.55
CA THR E 37 -45.30 -10.04 29.62
C THR E 37 -46.65 -10.54 30.12
N TYR E 38 -46.82 -10.58 31.44
CA TYR E 38 -48.10 -10.92 32.02
C TYR E 38 -48.36 -10.07 33.26
N GLY E 39 -49.41 -9.24 33.20
CA GLY E 39 -49.83 -8.44 34.32
C GLY E 39 -51.30 -8.67 34.61
N GLU E 40 -51.77 -7.99 35.66
CA GLU E 40 -53.03 -8.40 36.28
C GLU E 40 -54.24 -8.00 35.44
N THR E 41 -54.12 -6.92 34.66
CA THR E 41 -55.05 -6.45 33.62
C THR E 41 -55.88 -5.26 34.10
N GLY E 42 -56.25 -5.27 35.38
CA GLY E 42 -56.81 -4.08 35.97
C GLY E 42 -55.77 -2.99 35.96
N GLY E 43 -54.51 -3.37 36.13
CA GLY E 43 -53.42 -2.44 36.02
C GLY E 43 -53.01 -1.86 37.35
N ASN E 44 -53.30 -2.56 38.45
CA ASN E 44 -53.05 -1.98 39.75
C ASN E 44 -51.56 -1.81 40.03
N SER E 45 -50.68 -2.26 39.13
CA SER E 45 -49.29 -2.50 39.50
C SER E 45 -48.46 -2.69 38.22
N PRO E 46 -47.14 -3.03 38.28
CA PRO E 46 -46.43 -3.26 37.02
C PRO E 46 -46.86 -4.54 36.33
N VAL E 47 -46.00 -5.05 35.46
CA VAL E 47 -46.26 -6.25 34.67
C VAL E 47 -45.04 -7.15 34.74
N GLN E 48 -45.26 -8.43 35.01
CA GLN E 48 -44.17 -9.39 35.06
C GLN E 48 -43.64 -9.65 33.65
N GLU E 49 -42.41 -10.14 33.58
CA GLU E 49 -41.74 -10.29 32.29
C GLU E 49 -40.68 -11.37 32.39
N PHE E 50 -40.51 -12.11 31.29
CA PHE E 50 -39.41 -13.04 31.14
C PHE E 50 -39.23 -13.34 29.66
N THR E 51 -37.97 -13.55 29.25
CA THR E 51 -37.65 -13.89 27.88
C THR E 51 -37.65 -15.40 27.69
N VAL E 52 -37.82 -15.82 26.44
CA VAL E 52 -37.93 -17.22 26.09
C VAL E 52 -37.12 -17.46 24.81
N PRO E 53 -36.39 -18.57 24.69
CA PRO E 53 -35.64 -18.81 23.46
C PRO E 53 -36.55 -18.88 22.25
N GLY E 54 -36.06 -18.35 21.13
CA GLY E 54 -36.86 -18.27 19.93
C GLY E 54 -37.23 -19.61 19.33
N TYR E 55 -36.53 -20.68 19.72
CA TYR E 55 -36.88 -22.01 19.27
C TYR E 55 -37.99 -22.64 20.10
N SER E 56 -38.78 -21.82 20.78
CA SER E 56 -39.88 -22.29 21.62
C SER E 56 -41.14 -21.52 21.25
N SER E 57 -42.14 -22.23 20.74
CA SER E 57 -43.43 -21.62 20.46
C SER E 57 -44.30 -21.48 21.71
N THR E 58 -43.91 -22.08 22.82
CA THR E 58 -44.72 -22.08 24.03
C THR E 58 -43.93 -21.53 25.22
N ALA E 59 -44.68 -20.96 26.16
CA ALA E 59 -44.15 -20.60 27.46
C ALA E 59 -45.16 -21.02 28.52
N THR E 60 -44.72 -21.08 29.77
CA THR E 60 -45.61 -21.43 30.87
C THR E 60 -45.49 -20.37 31.95
N ILE E 61 -46.62 -19.73 32.26
CA ILE E 61 -46.67 -18.66 33.25
C ILE E 61 -47.19 -19.25 34.55
N SER E 62 -46.40 -19.13 35.62
CA SER E 62 -46.73 -19.73 36.89
C SER E 62 -46.82 -18.66 37.97
N GLY E 63 -47.32 -19.06 39.13
CA GLY E 63 -47.48 -18.15 40.25
C GLY E 63 -48.44 -17.01 39.94
N LEU E 64 -49.72 -17.34 39.77
CA LEU E 64 -50.74 -16.35 39.51
C LEU E 64 -51.88 -16.52 40.50
N LYS E 65 -52.71 -15.49 40.60
CA LYS E 65 -53.82 -15.59 41.54
C LYS E 65 -55.01 -16.27 40.88
N PRO E 66 -55.65 -17.22 41.54
CA PRO E 66 -56.85 -17.85 40.97
C PRO E 66 -57.99 -16.86 40.85
N GLY E 67 -58.72 -16.96 39.74
CA GLY E 67 -59.87 -16.12 39.50
C GLY E 67 -59.56 -14.74 38.99
N VAL E 68 -58.30 -14.41 38.77
CA VAL E 68 -57.89 -13.11 38.27
C VAL E 68 -57.65 -13.21 36.77
N ASP E 69 -58.20 -12.26 36.03
CA ASP E 69 -58.09 -12.22 34.57
C ASP E 69 -56.85 -11.44 34.17
N TYR E 70 -55.82 -12.12 33.65
CA TYR E 70 -54.54 -11.50 33.32
C TYR E 70 -54.45 -11.14 31.83
N THR E 71 -53.54 -10.20 31.52
CA THR E 71 -53.14 -9.89 30.15
C THR E 71 -51.75 -10.44 29.86
N ILE E 72 -51.57 -10.97 28.66
CA ILE E 72 -50.35 -11.69 28.31
C ILE E 72 -49.93 -11.30 26.89
N THR E 73 -48.86 -10.54 26.77
CA THR E 73 -48.31 -10.15 25.48
C THR E 73 -47.05 -10.96 25.19
N VAL E 74 -46.80 -11.19 23.91
CA VAL E 74 -45.61 -11.90 23.44
C VAL E 74 -44.91 -11.03 22.42
N TYR E 75 -43.72 -10.54 22.76
CA TYR E 75 -42.97 -9.63 21.91
C TYR E 75 -41.86 -10.38 21.17
N ALA E 76 -41.67 -10.02 19.91
CA ALA E 76 -40.46 -10.36 19.18
C ALA E 76 -39.35 -9.41 19.64
N PRO E 77 -38.08 -9.66 19.25
CA PRO E 77 -37.02 -8.75 19.68
C PRO E 77 -37.25 -7.30 19.26
N THR E 78 -37.70 -7.09 18.03
CA THR E 78 -38.03 -5.76 17.53
C THR E 78 -39.36 -5.80 16.79
N SER E 79 -40.00 -4.63 16.68
CA SER E 79 -41.28 -4.49 16.00
C SER E 79 -41.12 -4.21 14.51
N ASP E 80 -40.10 -4.78 13.86
CA ASP E 80 -39.87 -4.56 12.44
C ASP E 80 -40.69 -5.54 11.62
N GLY E 82 -42.53 -7.55 14.43
CA GLY E 82 -43.97 -7.39 14.26
C GLY E 82 -44.70 -6.89 15.48
N SER E 83 -45.96 -6.51 15.27
CA SER E 83 -46.76 -5.96 16.35
C SER E 83 -46.89 -7.00 17.46
N PRO E 84 -46.88 -6.58 18.72
CA PRO E 84 -46.92 -7.54 19.83
C PRO E 84 -48.33 -8.03 20.05
N ILE E 85 -48.48 -9.35 20.16
CA ILE E 85 -49.79 -9.98 20.28
C ILE E 85 -50.06 -10.23 21.76
N SER E 86 -51.27 -9.84 22.20
CA SER E 86 -51.67 -9.97 23.58
C SER E 86 -53.05 -10.62 23.66
N ILE E 87 -53.37 -11.17 24.84
CA ILE E 87 -54.66 -11.79 25.10
C ILE E 87 -55.13 -11.40 26.49
N ASN E 88 -56.29 -11.92 26.87
CA ASN E 88 -56.82 -11.84 28.23
C ASN E 88 -57.27 -13.22 28.65
N TYR E 89 -56.84 -13.65 29.84
CA TYR E 89 -57.26 -14.94 30.38
C TYR E 89 -57.54 -14.81 31.87
N ARG E 90 -58.69 -15.34 32.29
CA ARG E 90 -59.07 -15.37 33.71
C ARG E 90 -58.80 -16.76 34.25
N THR E 91 -57.83 -16.86 35.16
CA THR E 91 -57.43 -18.15 35.74
C THR E 91 -58.52 -18.75 36.62
N SER F 3 19.31 42.58 -10.45
CA SER F 3 19.14 42.98 -11.84
C SER F 3 20.28 42.43 -12.66
N VAL F 4 20.02 41.33 -13.36
CA VAL F 4 20.96 40.82 -14.33
C VAL F 4 20.49 41.23 -15.72
N PRO F 5 21.39 41.61 -16.63
CA PRO F 5 22.79 41.89 -16.32
C PRO F 5 23.01 43.37 -16.02
N THR F 6 24.26 43.78 -15.82
CA THR F 6 24.58 45.17 -15.58
C THR F 6 25.74 45.57 -16.46
N LYS F 7 25.89 46.89 -16.65
CA LYS F 7 27.06 47.48 -17.31
C LYS F 7 27.26 46.91 -18.71
N LEU F 8 26.23 47.06 -19.54
CA LEU F 8 26.33 46.70 -20.96
C LEU F 8 27.07 47.82 -21.69
N GLU F 9 28.29 47.53 -22.16
CA GLU F 9 29.09 48.51 -22.86
C GLU F 9 29.66 47.88 -24.12
N VAL F 10 30.05 48.74 -25.06
CA VAL F 10 30.67 48.29 -26.30
C VAL F 10 32.18 48.24 -26.05
N VAL F 11 32.71 47.03 -25.87
CA VAL F 11 34.13 46.86 -25.61
C VAL F 11 34.95 47.37 -26.80
N ALA F 12 34.72 46.79 -27.97
CA ALA F 12 35.40 47.18 -29.19
C ALA F 12 34.36 47.41 -30.28
N ALA F 13 34.78 48.08 -31.36
CA ALA F 13 33.83 48.46 -32.38
C ALA F 13 34.52 48.52 -33.74
N THR F 14 33.69 48.56 -34.78
CA THR F 14 34.11 48.62 -36.16
C THR F 14 32.95 49.20 -36.95
N PRO F 15 33.20 49.91 -38.07
CA PRO F 15 32.09 50.32 -38.95
C PRO F 15 31.00 49.26 -39.11
N THR F 16 31.35 47.97 -39.02
CA THR F 16 30.41 46.90 -39.30
C THR F 16 30.19 45.94 -38.13
N SER F 17 30.79 46.17 -36.97
CA SER F 17 30.65 45.21 -35.88
C SER F 17 30.92 45.88 -34.54
N LEU F 18 30.28 45.34 -33.50
CA LEU F 18 30.45 45.81 -32.13
C LEU F 18 30.75 44.61 -31.23
N LEU F 19 31.75 44.76 -30.36
CA LEU F 19 32.01 43.80 -29.29
C LEU F 19 31.43 44.38 -28.01
N ILE F 20 30.41 43.73 -27.47
CA ILE F 20 29.74 44.20 -26.27
C ILE F 20 30.06 43.27 -25.11
N SER F 21 29.87 43.79 -23.90
CA SER F 21 30.05 43.00 -22.69
C SER F 21 29.14 43.56 -21.61
N TRP F 22 28.82 42.70 -20.64
CA TRP F 22 27.93 43.06 -19.54
C TRP F 22 28.39 42.33 -18.29
N ASP F 23 27.78 42.70 -17.16
CA ASP F 23 28.11 42.09 -15.88
C ASP F 23 27.13 40.95 -15.62
N ALA F 24 27.64 39.71 -15.63
CA ALA F 24 26.80 38.54 -15.38
C ALA F 24 26.27 38.49 -13.96
N GLY F 25 26.76 39.36 -13.08
CA GLY F 25 26.29 39.38 -11.70
C GLY F 25 26.99 38.34 -10.84
N HIS F 26 26.42 38.13 -9.66
CA HIS F 26 26.94 37.13 -8.75
C HIS F 26 26.53 35.74 -9.22
N TRP F 27 27.25 34.73 -8.71
CA TRP F 27 27.10 33.36 -9.20
C TRP F 27 25.69 32.80 -9.00
N TRP F 28 24.90 33.41 -8.12
CA TRP F 28 23.50 33.03 -7.99
C TRP F 28 22.59 33.85 -8.90
N GLU F 29 23.11 34.91 -9.51
CA GLU F 29 22.40 35.66 -10.54
C GLU F 29 22.73 35.18 -11.95
N TRP F 30 23.77 34.36 -12.09
CA TRP F 30 24.15 33.83 -13.39
C TRP F 30 23.00 33.02 -13.99
N VAL F 31 22.73 33.25 -15.26
CA VAL F 31 21.64 32.59 -15.96
C VAL F 31 22.22 31.61 -16.97
N THR F 32 21.37 30.72 -17.47
CA THR F 32 21.82 29.73 -18.43
C THR F 32 22.06 30.31 -19.81
N TYR F 33 21.43 31.44 -20.12
CA TYR F 33 21.58 32.05 -21.43
C TYR F 33 21.07 33.48 -21.37
N TYR F 34 21.71 34.34 -22.14
CA TYR F 34 21.21 35.67 -22.43
C TYR F 34 20.79 35.73 -23.89
N ARG F 35 19.78 36.53 -24.19
CA ARG F 35 19.38 36.78 -25.57
C ARG F 35 19.61 38.25 -25.87
N ILE F 36 20.36 38.52 -26.94
CA ILE F 36 20.77 39.86 -27.31
C ILE F 36 19.93 40.31 -28.51
N THR F 37 19.49 41.56 -28.48
CA THR F 37 18.73 42.16 -29.57
C THR F 37 19.45 43.42 -30.03
N TYR F 38 19.41 43.68 -31.33
CA TYR F 38 20.01 44.88 -31.88
C TYR F 38 19.32 45.26 -33.17
N GLY F 39 19.04 46.56 -33.32
CA GLY F 39 18.40 47.05 -34.52
C GLY F 39 18.60 48.54 -34.67
N GLU F 40 18.36 49.03 -35.89
CA GLU F 40 18.50 50.45 -36.18
C GLU F 40 17.58 51.26 -35.28
N THR F 41 18.17 52.23 -34.56
CA THR F 41 17.41 53.05 -33.62
C THR F 41 16.26 53.76 -34.33
N GLY F 42 16.48 54.15 -35.57
CA GLY F 42 15.44 54.79 -36.38
C GLY F 42 14.16 53.99 -36.39
N GLY F 43 14.19 52.78 -36.95
CA GLY F 43 13.02 51.94 -36.98
C GLY F 43 13.00 51.05 -38.20
N ASN F 44 12.30 51.50 -39.25
CA ASN F 44 12.31 50.84 -40.56
C ASN F 44 11.89 49.38 -40.49
N SER F 45 12.72 48.55 -39.88
CA SER F 45 12.59 47.10 -39.89
C SER F 45 12.45 46.58 -38.46
N PRO F 46 12.28 45.26 -38.26
CA PRO F 46 12.36 44.71 -36.91
C PRO F 46 13.77 44.83 -36.33
N VAL F 47 14.09 43.93 -35.39
CA VAL F 47 15.37 43.96 -34.69
C VAL F 47 15.96 42.57 -34.70
N GLN F 48 17.24 42.48 -35.05
CA GLN F 48 17.92 41.19 -35.08
C GLN F 48 18.09 40.64 -33.68
N GLU F 49 18.30 39.34 -33.59
CA GLU F 49 18.30 38.66 -32.29
C GLU F 49 19.16 37.40 -32.36
N PHE F 50 19.73 37.04 -31.22
CA PHE F 50 20.44 35.78 -31.04
C PHE F 50 20.69 35.57 -29.55
N THR F 51 20.68 34.31 -29.14
CA THR F 51 20.96 33.96 -27.75
C THR F 51 22.45 33.65 -27.57
N VAL F 52 22.88 33.65 -26.32
CA VAL F 52 24.29 33.53 -25.97
C VAL F 52 24.38 32.74 -24.67
N PRO F 53 25.34 31.82 -24.54
CA PRO F 53 25.42 31.02 -23.31
C PRO F 53 25.65 31.88 -22.08
N GLY F 54 24.96 31.52 -20.99
CA GLY F 54 25.04 32.27 -19.75
C GLY F 54 26.39 32.30 -19.10
N TYR F 55 27.33 31.46 -19.55
CA TYR F 55 28.72 31.53 -19.10
C TYR F 55 29.55 32.50 -19.93
N SER F 56 28.92 33.51 -20.52
CA SER F 56 29.61 34.46 -21.39
C SER F 56 29.11 35.86 -21.07
N SER F 57 30.01 36.71 -20.56
CA SER F 57 29.67 38.10 -20.29
C SER F 57 29.81 38.98 -21.52
N THR F 58 30.38 38.47 -22.61
CA THR F 58 30.59 39.25 -23.81
C THR F 58 29.88 38.60 -25.00
N ALA F 59 29.76 39.38 -26.08
CA ALA F 59 29.15 38.92 -27.32
C ALA F 59 29.47 39.92 -28.40
N THR F 60 29.64 39.42 -29.62
CA THR F 60 29.96 40.25 -30.77
C THR F 60 28.74 40.35 -31.69
N ILE F 61 28.52 41.54 -32.23
CA ILE F 61 27.42 41.84 -33.13
C ILE F 61 28.04 42.21 -34.47
N SER F 62 27.82 41.39 -35.49
CA SER F 62 28.44 41.56 -36.78
C SER F 62 27.37 41.85 -37.83
N GLY F 63 27.82 42.28 -39.00
CA GLY F 63 26.92 42.65 -40.08
C GLY F 63 26.06 43.83 -39.71
N LEU F 64 26.63 45.03 -39.74
CA LEU F 64 25.93 46.25 -39.39
C LEU F 64 26.29 47.33 -40.39
N LYS F 65 25.37 48.27 -40.58
CA LYS F 65 25.62 49.37 -41.50
C LYS F 65 26.53 50.40 -40.83
N PRO F 66 27.59 50.85 -41.50
CA PRO F 66 28.45 51.88 -40.89
C PRO F 66 27.76 53.22 -40.80
N GLY F 67 28.04 53.95 -39.72
CA GLY F 67 27.46 55.26 -39.50
C GLY F 67 26.02 55.26 -39.05
N VAL F 68 25.45 54.10 -38.74
CA VAL F 68 24.05 53.97 -38.37
C VAL F 68 23.97 53.69 -36.87
N ASP F 69 22.96 54.26 -36.22
CA ASP F 69 22.79 54.15 -34.78
C ASP F 69 21.92 52.95 -34.45
N TYR F 70 22.46 52.01 -33.69
CA TYR F 70 21.76 50.79 -33.28
C TYR F 70 21.48 50.81 -31.79
N THR F 71 20.29 50.33 -31.40
CA THR F 71 20.00 50.02 -30.00
C THR F 71 20.31 48.55 -29.75
N ILE F 72 20.82 48.25 -28.56
CA ILE F 72 21.31 46.91 -28.23
C ILE F 72 20.84 46.55 -26.83
N THR F 73 19.90 45.62 -26.73
CA THR F 73 19.35 45.17 -25.46
C THR F 73 19.87 43.78 -25.14
N VAL F 74 19.93 43.46 -23.84
CA VAL F 74 20.42 42.17 -23.36
C VAL F 74 19.43 41.63 -22.34
N TYR F 75 18.75 40.54 -22.69
CA TYR F 75 17.71 39.97 -21.87
C TYR F 75 18.18 38.72 -21.14
N ALA F 76 17.74 38.58 -19.90
CA ALA F 76 17.86 37.34 -19.15
C ALA F 76 16.76 36.39 -19.61
N PRO F 77 16.79 35.12 -19.17
CA PRO F 77 15.70 34.20 -19.55
C PRO F 77 14.33 34.71 -19.14
N THR F 78 14.17 35.05 -17.87
CA THR F 78 12.97 35.72 -17.38
C THR F 78 13.39 37.01 -16.68
N SER F 79 12.41 37.88 -16.44
CA SER F 79 12.62 39.15 -15.77
C SER F 79 12.25 39.08 -14.28
N ASP F 80 12.34 37.88 -13.73
CA ASP F 80 12.13 37.74 -12.27
C ASP F 80 13.14 38.68 -11.61
N TYR F 81 14.43 38.45 -11.81
CA TYR F 81 15.43 39.45 -11.33
C TYR F 81 15.83 40.23 -12.58
N GLY F 82 15.22 39.85 -13.70
CA GLY F 82 15.55 40.47 -15.00
C GLY F 82 15.09 41.91 -15.14
N SER F 83 15.85 42.72 -15.87
CA SER F 83 15.51 44.13 -16.15
C SER F 83 16.30 44.49 -17.39
N PRO F 84 15.78 44.19 -18.59
CA PRO F 84 16.50 44.38 -19.83
C PRO F 84 17.32 45.65 -19.95
N ILE F 85 18.63 45.50 -19.98
CA ILE F 85 19.49 46.68 -20.12
C ILE F 85 19.79 46.91 -21.60
N SER F 86 19.57 48.12 -22.05
CA SER F 86 19.79 48.50 -23.44
C SER F 86 20.79 49.65 -23.49
N ILE F 87 21.40 49.81 -24.67
CA ILE F 87 22.31 50.92 -24.94
C ILE F 87 22.08 51.39 -26.38
N ASN F 88 22.71 52.51 -26.71
CA ASN F 88 22.73 53.05 -28.06
C ASN F 88 24.19 53.20 -28.48
N TYR F 89 24.49 52.78 -29.71
CA TYR F 89 25.83 52.93 -30.25
C TYR F 89 25.74 53.19 -31.75
N ARG F 90 26.46 54.20 -32.22
CA ARG F 90 26.51 54.55 -33.62
C ARG F 90 27.83 54.09 -34.20
N THR F 91 27.77 53.17 -35.17
CA THR F 91 28.96 52.57 -35.75
C THR F 91 29.79 53.57 -36.54
N SER G 3 1.60 -26.27 42.54
CA SER G 3 1.43 -24.92 43.06
C SER G 3 0.02 -24.70 43.62
N VAL G 4 -0.99 -25.14 42.88
CA VAL G 4 -2.38 -25.01 43.30
C VAL G 4 -3.14 -26.27 42.93
N PRO G 5 -4.18 -26.61 43.70
CA PRO G 5 -4.65 -25.96 44.93
C PRO G 5 -3.77 -26.31 46.14
N THR G 6 -3.97 -25.61 47.25
CA THR G 6 -3.19 -25.85 48.46
C THR G 6 -4.09 -25.86 49.68
N LYS G 7 -3.59 -26.47 50.75
CA LYS G 7 -4.20 -26.44 52.08
C LYS G 7 -5.60 -27.05 52.06
N LEU G 8 -5.68 -28.28 51.60
CA LEU G 8 -6.92 -29.06 51.65
C LEU G 8 -7.12 -29.53 53.09
N GLU G 9 -8.12 -28.96 53.77
CA GLU G 9 -8.39 -29.29 55.15
C GLU G 9 -9.89 -29.49 55.34
N VAL G 10 -10.24 -30.38 56.27
CA VAL G 10 -11.63 -30.70 56.58
C VAL G 10 -12.12 -29.65 57.58
N VAL G 11 -12.80 -28.62 57.07
CA VAL G 11 -13.28 -27.54 57.94
C VAL G 11 -14.24 -28.07 58.98
N ALA G 12 -15.19 -28.90 58.55
CA ALA G 12 -16.18 -29.48 59.44
C ALA G 12 -16.42 -30.93 59.03
N ALA G 13 -16.92 -31.72 59.98
CA ALA G 13 -17.10 -33.14 59.74
C ALA G 13 -18.26 -33.66 60.56
N THR G 14 -19.09 -34.48 59.94
CA THR G 14 -20.09 -35.28 60.62
C THR G 14 -19.83 -36.75 60.31
N PRO G 15 -20.40 -37.68 61.09
CA PRO G 15 -20.20 -39.10 60.79
C PRO G 15 -20.44 -39.49 59.33
N THR G 16 -21.32 -38.78 58.62
CA THR G 16 -21.67 -39.12 57.25
C THR G 16 -21.24 -38.08 56.23
N SER G 17 -20.59 -37.01 56.66
CA SER G 17 -20.32 -35.91 55.73
C SER G 17 -19.10 -35.11 56.19
N LEU G 18 -18.42 -34.51 55.21
CA LEU G 18 -17.24 -33.70 55.44
C LEU G 18 -17.36 -32.40 54.65
N LEU G 19 -16.97 -31.29 55.26
CA LEU G 19 -16.89 -29.98 54.62
C LEU G 19 -15.42 -29.64 54.42
N ILE G 20 -14.97 -29.70 53.17
CA ILE G 20 -13.56 -29.50 52.86
C ILE G 20 -13.36 -28.11 52.29
N SER G 21 -12.10 -27.68 52.24
CA SER G 21 -11.76 -26.38 51.65
C SER G 21 -10.30 -26.40 51.21
N TRP G 22 -9.99 -25.55 50.24
CA TRP G 22 -8.63 -25.39 49.75
C TRP G 22 -8.34 -23.91 49.57
N ASP G 23 -7.07 -23.61 49.27
CA ASP G 23 -6.64 -22.23 49.01
C ASP G 23 -6.52 -22.08 47.50
N ALA G 24 -7.49 -21.36 46.91
CA ALA G 24 -7.51 -21.22 45.46
C ALA G 24 -6.26 -20.52 44.93
N GLY G 25 -5.74 -19.56 45.67
CA GLY G 25 -4.53 -18.85 45.29
C GLY G 25 -4.82 -17.44 44.83
N HIS G 26 -3.85 -16.88 44.10
CA HIS G 26 -3.97 -15.53 43.59
C HIS G 26 -4.90 -15.49 42.37
N TRP G 27 -5.30 -14.28 41.99
CA TRP G 27 -6.29 -14.11 40.93
C TRP G 27 -5.79 -14.70 39.61
N TRP G 28 -4.51 -14.54 39.31
CA TRP G 28 -3.95 -15.11 38.09
C TRP G 28 -3.72 -16.61 38.21
N GLU G 29 -4.03 -17.21 39.35
CA GLU G 29 -3.94 -18.66 39.54
C GLU G 29 -5.29 -19.34 39.63
N TRP G 30 -6.37 -18.58 39.79
CA TRP G 30 -7.71 -19.17 39.87
C TRP G 30 -8.02 -19.94 38.59
N VAL G 31 -8.25 -21.23 38.75
CA VAL G 31 -8.65 -22.07 37.62
C VAL G 31 -10.15 -21.93 37.44
N THR G 32 -10.70 -22.48 36.35
CA THR G 32 -12.12 -22.38 36.11
C THR G 32 -12.93 -23.40 36.91
N TYR G 33 -12.29 -24.43 37.45
CA TYR G 33 -13.00 -25.45 38.20
C TYR G 33 -12.00 -26.39 38.84
N TYR G 34 -12.43 -27.00 39.95
CA TYR G 34 -11.72 -28.10 40.58
C TYR G 34 -12.64 -29.31 40.59
N ARG G 35 -12.07 -30.49 40.33
CA ARG G 35 -12.82 -31.73 40.46
C ARG G 35 -12.36 -32.43 41.74
N ILE G 36 -13.30 -32.65 42.65
CA ILE G 36 -13.01 -33.24 43.95
C ILE G 36 -13.36 -34.73 43.87
N THR G 37 -12.42 -35.57 44.25
CA THR G 37 -12.58 -37.01 44.24
C THR G 37 -12.48 -37.54 45.67
N TYR G 38 -13.40 -38.41 46.05
CA TYR G 38 -13.39 -38.99 47.38
C TYR G 38 -13.84 -40.44 47.32
N GLY G 39 -13.18 -41.29 48.11
CA GLY G 39 -13.51 -42.70 48.18
C GLY G 39 -12.86 -43.32 49.41
N GLU G 40 -13.29 -44.53 49.72
CA GLU G 40 -12.72 -45.27 50.84
C GLU G 40 -11.21 -45.40 50.66
N THR G 41 -10.47 -45.12 51.73
CA THR G 41 -9.02 -45.01 51.66
C THR G 41 -8.35 -46.33 51.28
N GLY G 42 -9.14 -47.39 51.11
CA GLY G 42 -8.64 -48.65 50.64
C GLY G 42 -9.04 -48.93 49.20
N GLY G 43 -10.34 -49.02 48.95
CA GLY G 43 -10.84 -49.27 47.61
C GLY G 43 -11.75 -50.47 47.53
N PRO G 46 -15.33 -48.49 43.19
CA PRO G 46 -14.70 -47.33 42.55
C PRO G 46 -14.31 -46.28 43.58
N VAL G 47 -14.36 -45.01 43.18
CA VAL G 47 -14.30 -43.87 44.10
C VAL G 47 -15.52 -43.02 43.78
N GLN G 48 -15.53 -41.78 44.27
CA GLN G 48 -16.60 -40.84 43.96
C GLN G 48 -15.98 -39.52 43.52
N GLU G 49 -16.76 -38.73 42.78
CA GLU G 49 -16.19 -37.58 42.10
C GLU G 49 -17.26 -36.55 41.78
N PHE G 50 -16.87 -35.27 41.84
CA PHE G 50 -17.70 -34.18 41.38
C PHE G 50 -16.83 -32.94 41.17
N THR G 51 -17.26 -32.08 40.27
CA THR G 51 -16.53 -30.84 39.98
C THR G 51 -17.18 -29.65 40.69
N VAL G 52 -16.43 -28.57 40.76
CA VAL G 52 -16.84 -27.37 41.50
C VAL G 52 -16.29 -26.15 40.77
N PRO G 53 -17.06 -25.08 40.62
CA PRO G 53 -16.57 -23.92 39.86
C PRO G 53 -15.35 -23.29 40.51
N GLY G 54 -14.44 -22.80 39.67
CA GLY G 54 -13.18 -22.27 40.15
C GLY G 54 -13.31 -21.09 41.09
N TYR G 55 -14.44 -20.40 41.08
CA TYR G 55 -14.67 -19.32 42.03
C TYR G 55 -15.05 -19.82 43.41
N SER G 56 -14.90 -21.11 43.69
CA SER G 56 -15.23 -21.69 44.97
C SER G 56 -14.03 -22.41 45.55
N SER G 57 -13.80 -22.20 46.85
CA SER G 57 -12.72 -22.87 47.56
C SER G 57 -13.22 -23.95 48.52
N THR G 58 -14.52 -24.01 48.77
CA THR G 58 -15.09 -25.00 49.67
C THR G 58 -15.98 -25.97 48.89
N ALA G 59 -16.01 -27.22 49.35
CA ALA G 59 -16.91 -28.23 48.84
C ALA G 59 -17.42 -29.05 50.01
N THR G 60 -18.64 -29.56 49.89
CA THR G 60 -19.21 -30.42 50.90
C THR G 60 -19.39 -31.82 50.33
N ILE G 61 -19.07 -32.83 51.13
CA ILE G 61 -19.13 -34.22 50.72
C ILE G 61 -20.13 -34.94 51.61
N SER G 62 -20.97 -35.77 51.01
CA SER G 62 -22.07 -36.40 51.74
C SER G 62 -22.21 -37.85 51.32
N GLY G 63 -22.94 -38.60 52.14
CA GLY G 63 -23.19 -40.01 51.90
C GLY G 63 -22.12 -40.95 52.39
N LEU G 64 -21.17 -40.47 53.17
CA LEU G 64 -20.05 -41.30 53.61
C LEU G 64 -20.51 -42.30 54.66
N LYS G 65 -19.74 -43.39 54.77
CA LYS G 65 -20.00 -44.36 55.83
C LYS G 65 -19.26 -43.93 57.10
N PRO G 66 -19.95 -43.84 58.23
CA PRO G 66 -19.29 -43.38 59.47
C PRO G 66 -18.25 -44.39 59.95
N GLY G 67 -17.11 -43.86 60.40
CA GLY G 67 -16.04 -44.68 60.91
C GLY G 67 -15.07 -45.19 59.87
N VAL G 68 -15.25 -44.81 58.61
CA VAL G 68 -14.37 -45.25 57.52
C VAL G 68 -13.37 -44.14 57.23
N ASP G 69 -12.11 -44.52 57.06
CA ASP G 69 -11.10 -43.57 56.62
C ASP G 69 -11.24 -43.35 55.12
N TYR G 70 -11.18 -42.08 54.71
CA TYR G 70 -11.40 -41.70 53.32
C TYR G 70 -10.20 -40.90 52.81
N THR G 71 -9.97 -41.00 51.50
CA THR G 71 -9.03 -40.14 50.79
C THR G 71 -9.83 -39.16 49.94
N ILE G 72 -9.47 -37.89 50.02
CA ILE G 72 -10.17 -36.81 49.32
C ILE G 72 -9.14 -36.04 48.51
N THR G 73 -9.26 -36.09 47.18
CA THR G 73 -8.35 -35.38 46.30
C THR G 73 -9.06 -34.19 45.67
N VAL G 74 -8.29 -33.15 45.38
CA VAL G 74 -8.79 -31.93 44.75
C VAL G 74 -7.92 -31.66 43.53
N TYR G 75 -8.45 -31.94 42.34
CA TYR G 75 -7.69 -31.79 41.10
C TYR G 75 -7.96 -30.44 40.46
N ALA G 76 -6.92 -29.86 39.88
CA ALA G 76 -7.05 -28.71 39.01
C ALA G 76 -7.52 -29.19 37.64
N PRO G 77 -7.90 -28.27 36.73
CA PRO G 77 -8.29 -28.73 35.39
C PRO G 77 -7.20 -29.47 34.67
N THR G 78 -5.97 -28.94 34.70
CA THR G 78 -4.83 -29.54 34.03
C THR G 78 -3.70 -29.74 35.04
N SER G 79 -2.76 -30.60 34.67
CA SER G 79 -1.60 -30.86 35.51
C SER G 79 -0.57 -29.74 35.45
N ASP G 80 -0.80 -28.71 34.63
CA ASP G 80 0.14 -27.59 34.54
C ASP G 80 0.27 -26.87 35.89
N TYR G 81 -0.85 -26.73 36.61
CA TYR G 81 -0.87 -25.87 37.78
C TYR G 81 -0.16 -26.49 38.98
N GLY G 82 -0.14 -27.81 39.09
CA GLY G 82 0.56 -28.45 40.18
C GLY G 82 0.13 -29.90 40.33
N SER G 83 0.52 -30.47 41.47
CA SER G 83 0.16 -31.85 41.77
C SER G 83 -1.18 -31.91 42.49
N PRO G 84 -1.99 -32.94 42.23
CA PRO G 84 -3.29 -33.06 42.91
C PRO G 84 -3.08 -33.34 44.39
N ILE G 85 -3.62 -32.47 45.23
CA ILE G 85 -3.45 -32.60 46.66
C ILE G 85 -4.59 -33.45 47.23
N SER G 86 -4.28 -34.26 48.23
CA SER G 86 -5.26 -35.14 48.82
C SER G 86 -4.93 -35.33 50.30
N ILE G 87 -5.97 -35.64 51.08
CA ILE G 87 -5.83 -35.84 52.52
C ILE G 87 -6.60 -37.09 52.92
N ASN G 88 -6.30 -37.57 54.12
CA ASN G 88 -6.99 -38.71 54.72
C ASN G 88 -7.78 -38.24 55.94
N TYR G 89 -9.02 -38.72 56.04
CA TYR G 89 -9.89 -38.34 57.16
C TYR G 89 -10.83 -39.50 57.44
N ARG G 90 -10.84 -39.98 58.69
CA ARG G 90 -11.80 -40.98 59.13
C ARG G 90 -13.01 -40.29 59.74
N THR G 91 -14.19 -40.68 59.27
CA THR G 91 -15.43 -40.05 59.69
C THR G 91 -15.81 -40.40 61.13
N SER H 3 24.95 -6.97 -42.23
CA SER H 3 23.62 -6.42 -42.44
C SER H 3 23.69 -4.97 -42.95
N VAL H 4 24.43 -4.12 -42.24
CA VAL H 4 24.60 -2.71 -42.62
C VAL H 4 26.03 -2.29 -42.33
N PRO H 5 26.58 -1.41 -43.18
CA PRO H 5 25.97 -0.88 -44.39
C PRO H 5 26.17 -1.83 -45.58
N THR H 6 25.50 -1.54 -46.69
CA THR H 6 25.58 -2.40 -47.87
C THR H 6 25.79 -1.58 -49.13
N LYS H 7 26.37 -2.23 -50.14
CA LYS H 7 26.50 -1.68 -51.49
C LYS H 7 27.32 -0.38 -51.49
N LEU H 8 28.60 -0.53 -51.13
CA LEU H 8 29.54 0.60 -51.15
C LEU H 8 30.07 0.74 -52.57
N GLU H 9 29.51 1.67 -53.33
CA GLU H 9 29.91 1.91 -54.70
C GLU H 9 30.42 3.33 -54.85
N VAL H 10 31.48 3.51 -55.63
CA VAL H 10 32.05 4.82 -55.92
C VAL H 10 31.13 5.50 -56.95
N VAL H 11 30.29 6.42 -56.47
CA VAL H 11 29.35 7.10 -57.35
C VAL H 11 30.09 7.92 -58.39
N ALA H 12 31.09 8.69 -57.97
CA ALA H 12 31.83 9.54 -58.88
C ALA H 12 33.31 9.48 -58.54
N ALA H 13 34.15 9.88 -59.49
CA ALA H 13 35.58 9.83 -59.26
C ALA H 13 36.29 10.88 -60.10
N THR H 14 37.41 11.34 -59.58
CA THR H 14 38.32 12.32 -60.13
C THR H 14 39.72 11.83 -59.79
N PRO H 15 40.73 12.12 -60.64
CA PRO H 15 42.11 11.74 -60.31
C PRO H 15 42.47 11.86 -58.83
N THR H 16 41.93 12.85 -58.13
CA THR H 16 42.30 13.10 -56.75
C THR H 16 41.15 12.99 -55.76
N SER H 17 40.00 12.44 -56.16
CA SER H 17 38.84 12.50 -55.27
C SER H 17 37.85 11.40 -55.63
N LEU H 18 37.22 10.83 -54.62
CA LEU H 18 36.17 9.84 -54.81
C LEU H 18 34.89 10.32 -54.16
N LEU H 19 33.75 9.92 -54.73
CA LEU H 19 32.44 10.18 -54.15
C LEU H 19 31.76 8.83 -54.01
N ILE H 20 31.65 8.37 -52.78
CA ILE H 20 31.19 7.03 -52.45
C ILE H 20 29.82 7.14 -51.80
N SER H 21 29.13 6.00 -51.75
CA SER H 21 27.84 5.92 -51.08
C SER H 21 27.58 4.48 -50.67
N TRP H 22 26.59 4.31 -49.80
CA TRP H 22 26.19 3.01 -49.32
C TRP H 22 24.68 3.01 -49.12
N ASP H 23 24.14 1.86 -48.73
CA ASP H 23 22.71 1.73 -48.42
C ASP H 23 22.57 1.71 -46.90
N ALA H 24 22.06 2.80 -46.34
CA ALA H 24 21.90 2.89 -44.89
C ALA H 24 20.98 1.81 -44.35
N GLY H 25 20.03 1.36 -45.16
CA GLY H 25 19.12 0.30 -44.76
C GLY H 25 17.76 0.83 -44.34
N HIS H 26 17.06 -0.01 -43.59
CA HIS H 26 15.76 0.36 -43.07
C HIS H 26 15.91 1.24 -41.84
N TRP H 27 14.82 1.96 -41.51
CA TRP H 27 14.86 2.94 -40.43
C TRP H 27 15.35 2.34 -39.12
N TRP H 28 14.97 1.09 -38.85
CA TRP H 28 15.43 0.43 -37.64
C TRP H 28 16.86 -0.08 -37.75
N GLU H 29 17.48 0.02 -38.93
CA GLU H 29 18.87 -0.31 -39.11
C GLU H 29 19.77 0.92 -39.17
N TRP H 30 19.19 2.11 -39.35
CA TRP H 30 19.95 3.35 -39.44
C TRP H 30 20.79 3.56 -38.19
N VAL H 31 22.12 3.50 -38.33
CA VAL H 31 23.02 3.74 -37.21
C VAL H 31 23.19 5.25 -37.05
N THR H 32 23.79 5.68 -35.94
CA THR H 32 24.00 7.09 -35.69
C THR H 32 25.17 7.67 -36.49
N TYR H 33 26.10 6.84 -36.95
CA TYR H 33 27.28 7.32 -37.67
C TYR H 33 28.01 6.15 -38.30
N TYR H 34 28.58 6.39 -39.47
CA TYR H 34 29.49 5.45 -40.11
C TYR H 34 30.89 6.06 -40.13
N ARG H 35 31.90 5.27 -39.80
CA ARG H 35 33.28 5.74 -39.91
C ARG H 35 33.86 5.21 -41.21
N ILE H 36 34.20 6.11 -42.11
CA ILE H 36 34.81 5.78 -43.40
C ILE H 36 36.32 5.85 -43.24
N THR H 37 37.01 4.88 -43.83
CA THR H 37 38.46 4.78 -43.75
C THR H 37 38.99 4.48 -45.14
N TYR H 38 39.85 5.36 -45.65
CA TYR H 38 40.41 5.18 -46.97
C TYR H 38 41.94 5.23 -46.88
N GLY H 39 42.59 4.32 -47.62
CA GLY H 39 44.04 4.30 -47.61
C GLY H 39 44.58 3.62 -48.85
N GLU H 40 45.84 3.92 -49.15
CA GLU H 40 46.55 3.25 -50.23
C GLU H 40 46.47 1.74 -50.03
N THR H 41 46.09 1.03 -51.09
CA THR H 41 45.66 -0.35 -50.98
C THR H 41 46.79 -1.27 -50.55
N GLY H 42 47.94 -0.68 -50.23
CA GLY H 42 49.08 -1.43 -49.75
C GLY H 42 49.42 -1.10 -48.32
N GLY H 43 49.75 0.16 -48.04
CA GLY H 43 50.08 0.59 -46.70
C GLY H 43 51.41 1.30 -46.59
N ASN H 44 51.50 2.53 -47.12
CA ASN H 44 52.75 3.27 -47.08
C ASN H 44 53.12 3.64 -45.65
N SER H 45 52.20 4.26 -44.91
CA SER H 45 52.43 4.43 -43.48
C SER H 45 51.15 4.16 -42.70
N PRO H 46 50.15 5.10 -42.60
CA PRO H 46 48.94 4.73 -41.86
C PRO H 46 47.81 4.42 -42.81
N VAL H 47 46.61 4.89 -42.48
CA VAL H 47 45.52 4.98 -43.44
C VAL H 47 44.98 6.40 -43.36
N GLN H 48 43.65 6.55 -43.44
CA GLN H 48 43.02 7.85 -43.27
C GLN H 48 41.55 7.60 -42.96
N GLU H 49 40.98 8.42 -42.06
CA GLU H 49 39.71 8.07 -41.45
C GLU H 49 38.93 9.32 -41.09
N PHE H 50 37.61 9.28 -41.33
CA PHE H 50 36.69 10.27 -40.80
C PHE H 50 35.37 9.58 -40.49
N THR H 51 34.46 10.33 -39.88
CA THR H 51 33.13 9.79 -39.58
C THR H 51 32.07 10.67 -40.24
N VAL H 52 30.88 10.10 -40.35
CA VAL H 52 29.77 10.71 -41.07
C VAL H 52 28.49 10.40 -40.31
N PRO H 53 27.59 11.37 -40.11
CA PRO H 53 26.38 11.09 -39.33
C PRO H 53 25.51 10.05 -40.04
N GLY H 54 24.93 9.16 -39.24
CA GLY H 54 24.15 8.06 -39.77
C GLY H 54 22.98 8.46 -40.65
N TYR H 55 22.60 9.73 -40.64
CA TYR H 55 21.57 10.21 -41.57
C TYR H 55 22.13 10.51 -42.96
N SER H 56 23.37 10.12 -43.24
CA SER H 56 23.98 10.34 -44.55
C SER H 56 24.45 9.00 -45.10
N SER H 57 24.21 8.80 -46.40
CA SER H 57 24.67 7.59 -47.07
C SER H 57 25.81 7.85 -48.06
N THR H 58 26.06 9.09 -48.42
CA THR H 58 27.15 9.42 -49.33
C THR H 58 28.25 10.16 -48.57
N ALA H 59 29.45 10.11 -49.15
CA ALA H 59 30.61 10.74 -48.54
C ALA H 59 31.64 11.00 -49.62
N THR H 60 32.29 12.16 -49.54
CA THR H 60 33.34 12.49 -50.47
C THR H 60 34.70 12.34 -49.81
N ILE H 61 35.70 11.96 -50.61
CA ILE H 61 37.05 11.71 -50.19
C ILE H 61 37.98 12.50 -51.10
N SER H 62 38.92 13.23 -50.52
CA SER H 62 39.76 14.12 -51.30
C SER H 62 41.23 13.92 -50.94
N GLY H 63 42.10 14.60 -51.69
CA GLY H 63 43.52 14.49 -51.45
C GLY H 63 44.12 13.14 -51.78
N LEU H 64 43.53 12.43 -52.73
CA LEU H 64 44.04 11.12 -53.12
C LEU H 64 45.09 11.26 -54.21
N LYS H 65 46.05 10.34 -54.19
CA LYS H 65 47.08 10.31 -55.23
C LYS H 65 46.48 9.75 -56.52
N PRO H 66 46.55 10.46 -57.64
CA PRO H 66 46.00 9.93 -58.89
C PRO H 66 46.76 8.70 -59.36
N GLY H 67 46.02 7.74 -59.89
CA GLY H 67 46.62 6.50 -60.37
C GLY H 67 46.93 5.48 -59.31
N VAL H 68 46.48 5.69 -58.07
CA VAL H 68 46.76 4.79 -56.96
C VAL H 68 45.49 4.03 -56.61
N ASP H 69 45.63 2.72 -56.41
CA ASP H 69 44.53 1.91 -55.93
C ASP H 69 44.38 2.13 -54.42
N TYR H 70 43.14 2.38 -53.99
CA TYR H 70 42.82 2.62 -52.60
C TYR H 70 41.80 1.59 -52.12
N THR H 71 41.92 1.24 -50.85
CA THR H 71 40.89 0.49 -50.14
C THR H 71 40.07 1.45 -49.29
N ILE H 72 38.75 1.28 -49.34
CA ILE H 72 37.80 2.15 -48.67
C ILE H 72 36.83 1.27 -47.89
N THR H 73 36.84 1.39 -46.57
CA THR H 73 35.98 0.65 -45.66
C THR H 73 34.98 1.61 -45.02
N VAL H 74 33.79 1.09 -44.73
CA VAL H 74 32.72 1.86 -44.10
C VAL H 74 32.23 1.06 -42.90
N TYR H 75 32.72 1.42 -41.71
CA TYR H 75 32.38 0.72 -40.48
C TYR H 75 31.10 1.29 -39.88
N ALA H 76 30.25 0.39 -39.40
CA ALA H 76 29.17 0.75 -38.50
C ALA H 76 29.77 1.15 -37.15
N PRO H 77 28.97 1.73 -36.24
CA PRO H 77 29.54 2.08 -34.92
C PRO H 77 30.10 0.88 -34.17
N THR H 78 29.40 -0.24 -34.19
CA THR H 78 29.83 -1.45 -33.51
C THR H 78 29.84 -2.61 -34.49
N SER H 79 30.58 -3.66 -34.11
CA SER H 79 30.65 -4.86 -34.93
C SER H 79 29.33 -5.63 -34.97
N ASP H 80 28.38 -5.27 -34.10
CA ASP H 80 27.10 -5.99 -34.05
C ASP H 80 26.34 -5.88 -35.37
N TYR H 81 26.31 -4.67 -35.95
CA TYR H 81 25.46 -4.42 -37.11
C TYR H 81 25.89 -5.26 -38.30
N GLY H 82 27.19 -5.38 -38.54
CA GLY H 82 27.66 -6.21 -39.63
C GLY H 82 29.15 -6.05 -39.81
N SER H 83 29.68 -6.90 -40.69
CA SER H 83 31.09 -6.80 -41.05
C SER H 83 31.33 -5.50 -41.81
N PRO H 84 32.48 -4.85 -41.59
CA PRO H 84 32.76 -3.60 -42.30
C PRO H 84 32.99 -3.87 -43.79
N ILE H 85 32.12 -3.32 -44.62
CA ILE H 85 32.25 -3.48 -46.06
C ILE H 85 33.37 -2.57 -46.56
N SER H 86 34.02 -2.99 -47.63
CA SER H 86 35.14 -2.22 -48.17
C SER H 86 35.34 -2.63 -49.63
N ILE H 87 35.84 -1.68 -50.42
CA ILE H 87 36.08 -1.90 -51.84
C ILE H 87 37.44 -1.34 -52.22
N ASN H 88 37.88 -1.67 -53.44
CA ASN H 88 39.11 -1.17 -54.03
C ASN H 88 38.78 -0.32 -55.24
N TYR H 89 39.54 0.76 -55.43
CA TYR H 89 39.31 1.66 -56.56
C TYR H 89 40.61 2.39 -56.86
N ARG H 90 41.04 2.35 -58.12
CA ARG H 90 42.21 3.10 -58.56
C ARG H 90 41.74 4.43 -59.15
N THR H 91 42.24 5.52 -58.61
CA THR H 91 41.81 6.85 -59.01
C THR H 91 42.27 7.21 -60.42
#